data_6HXM
#
_entry.id   6HXM
#
_cell.length_a   82.829
_cell.length_b   111.192
_cell.length_c   143.372
_cell.angle_alpha   90.00
_cell.angle_beta   90.00
_cell.angle_gamma   90.00
#
_symmetry.space_group_name_H-M   'C 2 2 21'
#
loop_
_entity.id
_entity.type
_entity.pdbx_description
1 polymer 'ATP-citrate synthase'
2 non-polymer 'COENZYME A'
3 non-polymer 'CITRATE ANION'
4 water water
#
_entity_poly.entity_id   1
_entity_poly.type   'polypeptide(L)'
_entity_poly.pdbx_seq_one_letter_code
;GSHMKPASFMTSICDERGQELIYAGMPITEVFKEEMGIGGVLGLLWFQKRLPKYSCQFIEMCLMVTADHGPAVSGAHNTI
ICARAGKDLVSSLTSGLLTIGDRFGGALDAAAKMFSKAFDSGIIPMEFVNKMKKEGKLIMGIGHRVKSINNPDMRVQILK
DYVRQHFPATPLLDYALEVEKITTSKKPNLILNVDGLIGVAFVDMLRNCGSFTREEADEYIDIGALNGIFVLGRSMGFIG
HYLDQKRLKQGLYRHPWDDISYVLPEHMSM
;
_entity_poly.pdbx_strand_id   A,B
#
loop_
_chem_comp.id
_chem_comp.type
_chem_comp.name
_chem_comp.formula
COA non-polymer 'COENZYME A' 'C21 H36 N7 O16 P3 S'
FLC non-polymer 'CITRATE ANION' 'C6 H5 O7 -3'
#
# COMPACT_ATOMS: atom_id res chain seq x y z
N MET A 4 -27.68 20.71 19.96
CA MET A 4 -27.56 19.51 19.14
C MET A 4 -26.47 18.60 19.72
N LYS A 5 -26.55 17.29 19.41
CA LYS A 5 -25.59 16.29 19.83
C LYS A 5 -24.25 16.59 19.12
N PRO A 6 -23.16 16.88 19.86
CA PRO A 6 -21.87 17.13 19.18
C PRO A 6 -21.35 15.89 18.46
N ALA A 7 -20.63 16.08 17.36
CA ALA A 7 -20.10 14.95 16.61
C ALA A 7 -19.08 14.17 17.42
N SER A 8 -19.14 12.85 17.35
CA SER A 8 -18.24 11.99 18.09
C SER A 8 -16.93 11.74 17.39
N PHE A 9 -16.89 11.92 16.05
CA PHE A 9 -15.70 11.72 15.24
C PHE A 9 -15.29 13.01 14.60
N MET A 10 -13.99 13.17 14.42
CA MET A 10 -13.44 14.33 13.73
C MET A 10 -12.51 13.77 12.66
N THR A 11 -12.45 14.44 11.50
CA THR A 11 -11.60 13.99 10.40
C THR A 11 -11.15 15.19 9.60
N SER A 12 -9.96 15.10 9.01
CA SER A 12 -9.50 16.24 8.22
C SER A 12 -8.82 15.90 6.93
N ILE A 13 -8.84 14.65 6.45
CA ILE A 13 -8.02 14.30 5.26
C ILE A 13 -8.78 14.09 4.00
N CYS A 14 -10.05 13.66 4.08
CA CYS A 14 -10.79 13.29 2.87
C CYS A 14 -12.26 13.56 3.06
N ASP A 15 -12.89 14.21 2.08
CA ASP A 15 -14.32 14.50 2.15
C ASP A 15 -14.95 13.87 0.92
N GLU A 16 -15.77 12.86 1.13
CA GLU A 16 -16.46 12.16 0.04
C GLU A 16 -17.93 12.51 -0.05
N ARG A 17 -18.39 13.53 0.67
CA ARG A 17 -19.81 13.86 0.71
C ARG A 17 -20.35 14.59 -0.50
N GLY A 18 -19.50 15.33 -1.20
CA GLY A 18 -19.93 16.22 -2.26
C GLY A 18 -19.93 15.64 -3.64
N GLN A 19 -19.94 16.56 -4.62
CA GLN A 19 -19.98 16.21 -6.04
C GLN A 19 -18.77 15.40 -6.44
N GLU A 20 -17.61 15.73 -5.90
CA GLU A 20 -16.42 14.94 -6.18
C GLU A 20 -15.60 14.83 -4.93
N LEU A 21 -14.89 13.76 -4.89
CA LEU A 21 -14.03 13.40 -3.80
C LEU A 21 -12.93 14.47 -3.59
N ILE A 22 -12.63 14.80 -2.34
N ILE A 22 -12.60 14.79 -2.34
CA ILE A 22 -11.60 15.76 -1.99
CA ILE A 22 -11.56 15.76 -2.01
C ILE A 22 -10.54 15.05 -1.16
C ILE A 22 -10.53 15.12 -1.13
N TYR A 23 -9.28 15.27 -1.51
CA TYR A 23 -8.17 14.81 -0.73
C TYR A 23 -7.46 16.05 -0.15
N ALA A 24 -7.57 16.24 1.18
N ALA A 24 -7.49 16.21 1.18
CA ALA A 24 -6.96 17.36 1.93
CA ALA A 24 -6.92 17.37 1.89
C ALA A 24 -7.12 18.73 1.30
C ALA A 24 -7.48 18.66 1.28
N GLY A 25 -8.29 18.99 0.73
N GLY A 25 -6.66 19.52 0.69
CA GLY A 25 -8.60 20.25 0.08
CA GLY A 25 -7.14 20.72 0.03
C GLY A 25 -8.43 20.31 -1.40
C GLY A 25 -7.47 20.56 -1.44
N MET A 26 -7.87 19.27 -2.00
N MET A 26 -7.29 19.38 -2.07
CA MET A 26 -7.70 19.22 -3.42
CA MET A 26 -7.51 19.22 -3.52
C MET A 26 -8.73 18.28 -3.97
C MET A 26 -8.66 18.28 -3.99
N PRO A 27 -9.62 18.77 -4.83
CA PRO A 27 -10.59 17.86 -5.46
C PRO A 27 -9.87 16.85 -6.36
N ILE A 28 -10.41 15.65 -6.47
CA ILE A 28 -9.75 14.58 -7.24
C ILE A 28 -9.51 14.97 -8.69
N THR A 29 -10.35 15.80 -9.29
CA THR A 29 -10.09 16.24 -10.68
C THR A 29 -8.82 17.07 -10.75
N GLU A 30 -8.57 17.90 -9.74
N GLU A 30 -8.56 17.90 -9.73
CA GLU A 30 -7.35 18.73 -9.69
CA GLU A 30 -7.36 18.73 -9.69
C GLU A 30 -6.14 17.85 -9.41
C GLU A 30 -6.14 17.86 -9.40
N VAL A 31 -6.29 16.81 -8.59
CA VAL A 31 -5.18 15.88 -8.31
C VAL A 31 -4.62 15.34 -9.65
N PHE A 32 -5.52 14.94 -10.55
CA PHE A 32 -5.10 14.42 -11.84
C PHE A 32 -4.67 15.52 -12.79
N LYS A 33 -5.35 16.66 -12.83
CA LYS A 33 -4.91 17.76 -13.71
C LYS A 33 -3.50 18.24 -13.39
N GLU A 34 -3.15 18.28 -12.10
CA GLU A 34 -1.83 18.72 -11.63
C GLU A 34 -0.79 17.60 -11.65
N GLU A 35 -1.16 16.39 -12.12
CA GLU A 35 -0.26 15.24 -12.24
C GLU A 35 0.46 14.97 -10.92
N MET A 36 -0.29 14.94 -9.84
N MET A 36 -0.31 14.95 -9.83
CA MET A 36 0.31 14.79 -8.51
CA MET A 36 0.19 14.77 -8.47
C MET A 36 0.90 13.41 -8.25
C MET A 36 0.87 13.42 -8.25
N GLY A 37 0.34 12.40 -8.89
CA GLY A 37 0.85 11.03 -8.75
C GLY A 37 0.55 10.46 -7.38
N ILE A 38 1.03 9.23 -7.18
CA ILE A 38 0.88 8.55 -5.92
C ILE A 38 1.58 9.32 -4.81
N GLY A 39 2.79 9.83 -5.07
CA GLY A 39 3.54 10.59 -4.07
C GLY A 39 2.80 11.83 -3.62
N GLY A 40 2.21 12.53 -4.57
CA GLY A 40 1.43 13.72 -4.25
C GLY A 40 0.16 13.40 -3.48
N VAL A 41 -0.52 12.30 -3.81
CA VAL A 41 -1.67 11.86 -3.04
C VAL A 41 -1.27 11.52 -1.62
N LEU A 42 -0.11 10.88 -1.44
CA LEU A 42 0.36 10.59 -0.10
C LEU A 42 0.63 11.88 0.68
N GLY A 43 1.25 12.87 0.03
CA GLY A 43 1.49 14.15 0.67
C GLY A 43 0.20 14.79 1.15
N LEU A 44 -0.85 14.68 0.35
CA LEU A 44 -2.14 15.24 0.74
C LEU A 44 -2.76 14.47 1.88
N LEU A 45 -2.86 13.14 1.76
CA LEU A 45 -3.58 12.35 2.77
C LEU A 45 -2.84 12.19 4.07
N TRP A 46 -1.49 12.10 4.03
CA TRP A 46 -0.72 11.89 5.26
C TRP A 46 -0.24 13.20 5.84
N PHE A 47 0.23 14.14 4.98
CA PHE A 47 0.86 15.37 5.46
C PHE A 47 0.02 16.61 5.28
N GLN A 48 -1.17 16.51 4.67
CA GLN A 48 -2.07 17.65 4.42
C GLN A 48 -1.47 18.77 3.60
N LYS A 49 -0.54 18.48 2.71
N LYS A 49 -0.54 18.47 2.71
CA LYS A 49 0.09 19.52 1.90
CA LYS A 49 0.14 19.47 1.90
C LYS A 49 0.31 19.05 0.47
C LYS A 49 0.27 19.03 0.45
N ARG A 50 0.45 20.02 -0.43
CA ARG A 50 0.82 19.80 -1.83
C ARG A 50 2.33 19.99 -1.74
N LEU A 51 3.06 18.90 -1.66
CA LEU A 51 4.52 18.92 -1.49
C LEU A 51 5.24 19.27 -2.79
N PRO A 52 6.50 19.73 -2.71
CA PRO A 52 7.27 19.98 -3.94
C PRO A 52 7.39 18.71 -4.79
N LYS A 53 7.52 18.87 -6.12
CA LYS A 53 7.64 17.72 -7.01
C LYS A 53 8.79 16.79 -6.61
N TYR A 54 9.94 17.32 -6.18
CA TYR A 54 11.05 16.43 -5.79
C TYR A 54 10.72 15.61 -4.55
N SER A 55 9.90 16.17 -3.65
CA SER A 55 9.50 15.45 -2.46
C SER A 55 8.53 14.34 -2.86
N CYS A 56 7.58 14.63 -3.77
CA CYS A 56 6.64 13.60 -4.26
C CYS A 56 7.38 12.47 -4.96
N GLN A 57 8.38 12.81 -5.76
CA GLN A 57 9.17 11.79 -6.45
C GLN A 57 9.99 10.99 -5.45
N PHE A 58 10.53 11.65 -4.41
CA PHE A 58 11.25 10.92 -3.35
C PHE A 58 10.32 9.93 -2.65
N ILE A 59 9.10 10.34 -2.37
CA ILE A 59 8.17 9.42 -1.74
C ILE A 59 7.96 8.20 -2.64
N GLU A 60 7.75 8.42 -3.94
CA GLU A 60 7.54 7.29 -4.85
C GLU A 60 8.78 6.42 -4.92
N MET A 61 9.98 7.02 -4.93
CA MET A 61 11.22 6.24 -4.90
C MET A 61 11.30 5.36 -3.67
N CYS A 62 10.91 5.91 -2.52
CA CYS A 62 10.90 5.14 -1.28
C CYS A 62 9.97 3.96 -1.39
N LEU A 63 8.76 4.15 -1.96
CA LEU A 63 7.83 3.04 -2.12
C LEU A 63 8.37 2.00 -3.11
N MET A 64 9.06 2.45 -4.13
CA MET A 64 9.64 1.49 -5.10
C MET A 64 10.79 0.73 -4.48
N VAL A 65 11.71 1.41 -3.75
CA VAL A 65 12.86 0.69 -3.23
C VAL A 65 12.52 -0.23 -2.09
N THR A 66 11.43 0.02 -1.35
CA THR A 66 11.00 -0.83 -0.25
C THR A 66 10.01 -1.91 -0.68
N ALA A 67 9.65 -1.97 -1.97
CA ALA A 67 8.57 -2.85 -2.43
C ALA A 67 8.77 -4.29 -2.08
N ASP A 68 9.99 -4.84 -2.24
CA ASP A 68 10.22 -6.21 -1.82
C ASP A 68 11.71 -6.45 -1.53
N HIS A 69 12.00 -7.42 -0.67
CA HIS A 69 13.37 -7.84 -0.44
C HIS A 69 13.46 -9.34 -0.24
N GLY A 70 12.65 -10.06 -1.01
CA GLY A 70 12.68 -11.51 -1.05
C GLY A 70 11.78 -12.20 -0.05
N PRO A 71 11.71 -13.53 -0.18
CA PRO A 71 10.78 -14.34 0.61
C PRO A 71 11.27 -14.81 1.96
N ALA A 72 12.52 -14.53 2.33
CA ALA A 72 13.14 -15.06 3.52
C ALA A 72 12.90 -14.22 4.76
N VAL A 73 12.63 -12.91 4.56
CA VAL A 73 12.45 -11.99 5.68
C VAL A 73 11.14 -12.31 6.40
N SER A 74 11.09 -11.95 7.69
CA SER A 74 9.98 -12.34 8.56
C SER A 74 8.60 -12.17 7.94
N GLY A 75 8.28 -10.97 7.47
CA GLY A 75 6.93 -10.72 6.99
C GLY A 75 6.60 -11.43 5.71
N ALA A 76 7.56 -11.51 4.78
CA ALA A 76 7.27 -12.19 3.52
C ALA A 76 7.07 -13.68 3.80
N HIS A 77 7.91 -14.23 4.65
CA HIS A 77 7.81 -15.62 5.07
C HIS A 77 6.46 -15.92 5.68
N ASN A 78 5.99 -15.06 6.59
CA ASN A 78 4.68 -15.28 7.20
C ASN A 78 3.54 -15.18 6.19
N THR A 79 3.61 -14.22 5.26
CA THR A 79 2.60 -14.11 4.21
C THR A 79 2.59 -15.38 3.35
N ILE A 80 3.77 -15.89 3.02
CA ILE A 80 3.89 -17.11 2.22
C ILE A 80 3.28 -18.28 2.92
N ILE A 81 3.45 -18.35 4.25
N ILE A 81 3.63 -18.47 4.17
CA ILE A 81 2.85 -19.44 5.05
CA ILE A 81 3.09 -19.61 4.92
C ILE A 81 1.32 -19.37 4.97
C ILE A 81 1.56 -19.47 5.00
N CYS A 82 0.75 -18.18 5.12
N CYS A 82 1.06 -18.24 5.15
CA CYS A 82 -0.72 -18.05 5.02
CA CYS A 82 -0.37 -18.01 5.21
C CYS A 82 -1.17 -18.44 3.69
C CYS A 82 -1.06 -18.33 3.84
N ALA A 83 -0.45 -17.94 2.69
CA ALA A 83 -0.92 -18.25 1.34
C ALA A 83 -0.91 -19.76 1.14
N ARG A 84 0.13 -20.43 1.64
CA ARG A 84 0.23 -21.89 1.54
C ARG A 84 -0.77 -22.62 2.40
N ALA A 85 -1.32 -21.95 3.40
CA ALA A 85 -2.38 -22.49 4.23
C ALA A 85 -3.76 -22.22 3.61
N GLY A 86 -3.81 -21.70 2.39
CA GLY A 86 -5.06 -21.52 1.68
C GLY A 86 -5.86 -20.31 2.06
N LYS A 87 -5.22 -19.33 2.69
CA LYS A 87 -5.94 -18.14 3.12
C LYS A 87 -6.07 -17.13 2.00
N ASP A 88 -6.97 -16.20 2.23
CA ASP A 88 -7.24 -15.08 1.34
C ASP A 88 -6.13 -14.04 1.38
N LEU A 89 -6.13 -13.14 0.40
CA LEU A 89 -5.11 -12.12 0.24
C LEU A 89 -4.99 -11.22 1.46
N VAL A 90 -6.11 -10.70 1.98
CA VAL A 90 -6.01 -9.79 3.12
C VAL A 90 -5.44 -10.46 4.36
N SER A 91 -5.92 -11.65 4.67
CA SER A 91 -5.41 -12.36 5.83
C SER A 91 -3.92 -12.62 5.69
N SER A 92 -3.49 -13.04 4.49
CA SER A 92 -2.08 -13.36 4.26
C SER A 92 -1.20 -12.14 4.31
N LEU A 93 -1.60 -11.07 3.67
CA LEU A 93 -0.85 -9.82 3.72
C LEU A 93 -0.72 -9.37 5.19
N THR A 94 -1.84 -9.36 5.91
N THR A 94 -1.82 -9.33 5.95
CA THR A 94 -1.88 -8.90 7.30
CA THR A 94 -1.75 -8.80 7.32
C THR A 94 -0.94 -9.71 8.18
C THR A 94 -0.95 -9.72 8.25
N SER A 95 -0.96 -11.03 8.03
CA SER A 95 -0.10 -11.90 8.84
C SER A 95 1.37 -11.49 8.70
N GLY A 96 1.76 -11.08 7.50
CA GLY A 96 3.11 -10.58 7.26
C GLY A 96 3.34 -9.17 7.75
N LEU A 97 2.39 -8.26 7.54
CA LEU A 97 2.56 -6.89 8.02
C LEU A 97 2.73 -6.87 9.52
N LEU A 98 2.08 -7.78 10.24
CA LEU A 98 2.15 -7.79 11.70
C LEU A 98 3.54 -8.13 12.25
N THR A 99 4.49 -8.54 11.42
CA THR A 99 5.88 -8.73 11.85
C THR A 99 6.69 -7.43 11.82
N ILE A 100 6.14 -6.36 11.24
CA ILE A 100 6.90 -5.12 11.07
C ILE A 100 6.96 -4.35 12.34
N GLY A 101 8.17 -4.06 12.81
CA GLY A 101 8.35 -3.42 14.09
C GLY A 101 9.81 -3.12 14.33
N ASP A 102 10.22 -3.22 15.61
CA ASP A 102 11.52 -2.77 16.06
C ASP A 102 12.69 -3.44 15.42
N ARG A 103 12.54 -4.71 15.02
CA ARG A 103 13.66 -5.45 14.46
C ARG A 103 13.62 -5.53 12.96
N PHE A 104 12.42 -5.65 12.36
CA PHE A 104 12.20 -5.83 10.93
C PHE A 104 11.29 -4.73 10.42
N GLY A 105 11.78 -3.87 9.54
CA GLY A 105 10.99 -2.88 8.84
C GLY A 105 10.42 -1.69 9.51
N GLY A 106 10.36 -1.69 10.82
CA GLY A 106 9.63 -0.66 11.55
C GLY A 106 10.53 0.16 12.43
N ALA A 107 11.79 0.36 11.98
CA ALA A 107 12.76 1.15 12.74
C ALA A 107 12.89 2.57 12.20
N LEU A 108 12.03 2.98 11.25
CA LEU A 108 12.15 4.32 10.65
C LEU A 108 11.82 5.42 11.66
N ASP A 109 10.72 5.26 12.38
CA ASP A 109 10.33 6.27 13.38
C ASP A 109 11.43 6.41 14.41
N ALA A 110 11.92 5.24 14.93
CA ALA A 110 12.93 5.25 16.01
C ALA A 110 14.26 5.79 15.53
N ALA A 111 14.62 5.51 14.27
CA ALA A 111 15.86 6.06 13.71
C ALA A 111 15.75 7.57 13.58
N ALA A 112 14.66 8.04 13.03
CA ALA A 112 14.46 9.47 12.91
C ALA A 112 14.54 10.16 14.29
N LYS A 113 13.88 9.60 15.30
CA LYS A 113 13.86 10.22 16.62
C LYS A 113 15.21 10.21 17.27
N MET A 114 15.90 9.04 17.29
CA MET A 114 17.18 8.98 18.00
C MET A 114 18.30 9.73 17.29
N PHE A 115 18.37 9.69 15.94
CA PHE A 115 19.35 10.53 15.24
C PHE A 115 19.05 12.00 15.44
N SER A 116 17.80 12.40 15.33
N SER A 116 17.79 12.41 15.31
CA SER A 116 17.47 13.81 15.51
CA SER A 116 17.45 13.82 15.47
C SER A 116 17.85 14.28 16.90
C SER A 116 17.76 14.32 16.90
N LYS A 117 17.49 13.51 17.93
CA LYS A 117 17.75 13.88 19.32
C LYS A 117 19.25 14.06 19.54
N ALA A 118 20.04 13.15 19.01
CA ALA A 118 21.49 13.23 19.14
C ALA A 118 22.03 14.45 18.40
N PHE A 119 21.60 14.65 17.15
CA PHE A 119 22.03 15.80 16.36
C PHE A 119 21.67 17.09 17.06
N ASP A 120 20.40 17.25 17.45
CA ASP A 120 19.89 18.46 18.06
C ASP A 120 20.60 18.79 19.38
N SER A 121 21.07 17.77 20.11
CA SER A 121 21.75 17.98 21.39
C SER A 121 23.18 18.49 21.22
N GLY A 122 23.75 18.42 20.02
CA GLY A 122 25.12 18.83 19.77
C GLY A 122 26.18 17.78 20.05
N ILE A 123 25.80 16.54 20.43
CA ILE A 123 26.84 15.55 20.71
C ILE A 123 27.40 15.02 19.40
N ILE A 124 28.66 14.72 19.42
CA ILE A 124 29.27 14.23 18.21
C ILE A 124 28.86 12.77 17.93
N PRO A 125 28.99 12.33 16.68
CA PRO A 125 28.62 10.95 16.36
C PRO A 125 29.23 9.87 17.27
N MET A 126 30.52 9.94 17.62
CA MET A 126 31.09 8.91 18.51
C MET A 126 30.45 8.89 19.90
N GLU A 127 30.06 10.06 20.40
N GLU A 127 30.12 10.08 20.42
CA GLU A 127 29.44 10.14 21.72
CA GLU A 127 29.47 10.22 21.74
C GLU A 127 28.05 9.60 21.68
C GLU A 127 28.11 9.56 21.69
N PHE A 128 27.42 9.73 20.57
CA PHE A 128 26.13 9.11 20.41
C PHE A 128 26.30 7.58 20.38
N VAL A 129 27.26 7.07 19.61
CA VAL A 129 27.49 5.64 19.57
C VAL A 129 27.86 5.08 20.95
N ASN A 130 28.77 5.74 21.64
CA ASN A 130 29.20 5.26 22.96
C ASN A 130 28.09 5.34 24.00
N LYS A 131 27.26 6.37 23.93
CA LYS A 131 26.14 6.55 24.87
C LYS A 131 25.11 5.44 24.69
N MET A 132 24.79 5.12 23.44
CA MET A 132 23.82 4.08 23.18
C MET A 132 24.37 2.73 23.64
N LYS A 133 25.66 2.48 23.44
CA LYS A 133 26.24 1.23 23.89
C LYS A 133 26.21 1.14 25.44
N LYS A 134 26.47 2.26 26.14
CA LYS A 134 26.42 2.25 27.62
C LYS A 134 25.01 2.05 28.15
N GLU A 135 24.00 2.59 27.46
CA GLU A 135 22.59 2.43 27.85
C GLU A 135 22.01 1.06 27.45
N GLY A 136 22.73 0.28 26.64
CA GLY A 136 22.27 -1.02 26.16
C GLY A 136 21.18 -0.87 25.12
N LYS A 137 21.20 0.23 24.34
CA LYS A 137 20.20 0.53 23.33
C LYS A 137 20.79 0.36 21.96
N LEU A 138 20.16 -0.43 21.12
CA LEU A 138 20.61 -0.56 19.74
C LEU A 138 20.33 0.75 18.99
N ILE A 139 21.21 1.11 18.04
CA ILE A 139 20.99 2.29 17.20
C ILE A 139 19.99 1.87 16.14
N MET A 140 18.77 2.45 16.21
N MET A 140 18.76 2.43 16.22
CA MET A 140 17.73 2.09 15.27
CA MET A 140 17.70 2.09 15.28
C MET A 140 18.11 2.68 13.92
C MET A 140 18.07 2.69 13.92
N GLY A 141 17.99 1.89 12.86
CA GLY A 141 18.38 2.30 11.53
C GLY A 141 19.79 1.89 11.17
N ILE A 142 20.50 1.19 12.07
CA ILE A 142 21.81 0.63 11.85
C ILE A 142 21.69 -0.90 11.96
N GLY A 143 22.43 -1.60 11.12
CA GLY A 143 22.53 -3.05 11.13
C GLY A 143 21.72 -3.74 10.08
N HIS A 144 22.20 -4.90 9.65
CA HIS A 144 21.48 -5.70 8.69
C HIS A 144 21.93 -7.15 8.81
N ARG A 145 21.01 -8.10 8.69
CA ARG A 145 21.37 -9.53 8.77
C ARG A 145 22.24 -9.99 7.63
N VAL A 146 22.02 -9.46 6.42
CA VAL A 146 22.77 -9.93 5.24
C VAL A 146 23.50 -8.84 4.46
N LYS A 147 23.04 -7.60 4.41
CA LYS A 147 23.77 -6.55 3.71
C LYS A 147 24.84 -6.02 4.65
N SER A 148 25.93 -5.53 4.10
CA SER A 148 27.09 -5.12 4.88
C SER A 148 28.02 -4.26 4.05
N ILE A 149 29.17 -3.85 4.58
CA ILE A 149 30.14 -3.14 3.73
C ILE A 149 30.72 -4.04 2.64
N ASN A 150 30.62 -5.36 2.80
CA ASN A 150 31.09 -6.31 1.77
C ASN A 150 30.00 -6.65 0.76
N ASN A 151 28.79 -6.18 0.98
CA ASN A 151 27.59 -6.55 0.23
C ASN A 151 26.62 -5.36 0.34
N PRO A 152 26.97 -4.25 -0.31
CA PRO A 152 26.23 -2.99 -0.08
C PRO A 152 24.81 -3.03 -0.56
N ASP A 153 23.99 -2.19 0.07
CA ASP A 153 22.59 -2.08 -0.26
C ASP A 153 22.38 -1.04 -1.36
N MET A 154 22.03 -1.49 -2.57
CA MET A 154 21.81 -0.55 -3.67
C MET A 154 20.59 0.32 -3.42
N ARG A 155 19.63 -0.12 -2.59
CA ARG A 155 18.51 0.76 -2.26
C ARG A 155 19.01 2.02 -1.57
N VAL A 156 19.95 1.87 -0.62
CA VAL A 156 20.53 3.00 0.09
C VAL A 156 21.28 3.88 -0.87
N GLN A 157 22.06 3.29 -1.78
CA GLN A 157 22.78 4.10 -2.75
C GLN A 157 21.86 4.96 -3.61
N ILE A 158 20.78 4.36 -4.13
CA ILE A 158 19.81 5.06 -4.98
C ILE A 158 19.19 6.20 -4.20
N LEU A 159 18.75 5.97 -2.95
CA LEU A 159 18.14 7.02 -2.14
C LEU A 159 19.10 8.14 -1.84
N LYS A 160 20.36 7.80 -1.46
CA LYS A 160 21.35 8.83 -1.18
C LYS A 160 21.65 9.69 -2.38
N ASP A 161 21.80 9.07 -3.56
CA ASP A 161 22.07 9.84 -4.77
C ASP A 161 20.93 10.82 -5.07
N TYR A 162 19.70 10.37 -4.95
CA TYR A 162 18.55 11.24 -5.20
C TYR A 162 18.53 12.40 -4.23
N VAL A 163 18.69 12.10 -2.96
CA VAL A 163 18.61 13.07 -1.90
C VAL A 163 19.72 14.13 -2.09
N ARG A 164 20.99 13.68 -2.41
CA ARG A 164 22.09 14.65 -2.65
C ARG A 164 21.84 15.53 -3.86
N GLN A 165 21.18 15.00 -4.87
CA GLN A 165 20.96 15.77 -6.08
C GLN A 165 19.78 16.73 -6.00
N HIS A 166 18.75 16.44 -5.17
CA HIS A 166 17.51 17.21 -5.15
C HIS A 166 17.19 17.97 -3.88
N PHE A 167 17.65 17.50 -2.70
CA PHE A 167 17.27 18.18 -1.47
C PHE A 167 18.11 19.42 -1.23
N PRO A 168 17.50 20.49 -0.70
CA PRO A 168 18.27 21.71 -0.44
C PRO A 168 19.33 21.64 0.68
N ALA A 169 19.18 20.71 1.60
CA ALA A 169 20.05 20.57 2.77
C ALA A 169 19.81 19.20 3.38
N THR A 170 20.87 18.48 3.81
CA THR A 170 20.70 17.14 4.40
C THR A 170 21.56 16.98 5.65
N PRO A 171 21.40 17.85 6.64
CA PRO A 171 22.29 17.76 7.81
C PRO A 171 22.15 16.48 8.64
N LEU A 172 20.95 15.95 8.78
CA LEU A 172 20.79 14.73 9.56
C LEU A 172 21.33 13.51 8.82
N LEU A 173 21.11 13.44 7.50
CA LEU A 173 21.70 12.35 6.73
C LEU A 173 23.24 12.42 6.88
N ASP A 174 23.82 13.63 6.80
CA ASP A 174 25.27 13.76 6.92
C ASP A 174 25.75 13.23 8.28
N TYR A 175 25.03 13.55 9.34
CA TYR A 175 25.35 13.05 10.70
C TYR A 175 25.24 11.52 10.76
N ALA A 176 24.16 10.98 10.21
CA ALA A 176 23.97 9.52 10.23
C ALA A 176 25.06 8.80 9.46
N LEU A 177 25.52 9.40 8.36
CA LEU A 177 26.61 8.80 7.59
C LEU A 177 27.92 8.84 8.41
N GLU A 178 28.12 9.86 9.24
CA GLU A 178 29.29 9.86 10.13
C GLU A 178 29.16 8.75 11.18
N VAL A 179 27.96 8.51 11.73
CA VAL A 179 27.71 7.41 12.68
C VAL A 179 28.03 6.09 11.98
N GLU A 180 27.57 5.90 10.73
CA GLU A 180 27.82 4.66 9.98
C GLU A 180 29.31 4.41 9.80
N LYS A 181 30.11 5.46 9.57
CA LYS A 181 31.56 5.25 9.43
C LYS A 181 32.10 4.63 10.71
N ILE A 182 31.62 5.08 11.87
CA ILE A 182 32.06 4.52 13.14
C ILE A 182 31.55 3.11 13.35
N THR A 183 30.29 2.86 13.12
CA THR A 183 29.74 1.54 13.40
C THR A 183 30.27 0.49 12.44
N THR A 184 30.40 0.82 11.15
CA THR A 184 30.95 -0.17 10.21
C THR A 184 32.40 -0.42 10.48
N SER A 185 33.13 0.56 11.01
N SER A 185 33.14 0.57 11.00
CA SER A 185 34.53 0.35 11.36
CA SER A 185 34.53 0.32 11.34
C SER A 185 34.65 -0.68 12.49
C SER A 185 34.65 -0.70 12.49
N LYS A 186 33.62 -0.82 13.36
CA LYS A 186 33.58 -1.79 14.44
C LYS A 186 33.18 -3.18 13.89
N LYS A 187 32.11 -3.23 13.09
CA LYS A 187 31.56 -4.49 12.58
C LYS A 187 31.00 -4.24 11.21
N PRO A 188 31.32 -5.08 10.21
CA PRO A 188 30.92 -4.79 8.84
C PRO A 188 29.44 -4.80 8.55
N ASN A 189 28.63 -5.47 9.41
N ASN A 189 28.60 -5.47 9.37
CA ASN A 189 27.17 -5.55 9.31
CA ASN A 189 27.16 -5.45 9.09
C ASN A 189 26.46 -4.28 9.77
C ASN A 189 26.45 -4.24 9.72
N LEU A 190 27.16 -3.35 10.44
CA LEU A 190 26.50 -2.19 11.05
C LEU A 190 26.37 -1.00 10.11
N ILE A 191 25.78 -1.27 8.95
CA ILE A 191 25.53 -0.25 7.95
C ILE A 191 24.29 0.55 8.33
N LEU A 192 24.19 1.70 7.72
CA LEU A 192 22.98 2.51 7.75
C LEU A 192 22.01 1.79 6.81
N ASN A 193 20.97 1.19 7.38
CA ASN A 193 20.07 0.35 6.63
C ASN A 193 18.96 1.18 5.99
N VAL A 194 18.07 0.53 5.24
N VAL A 194 18.06 0.55 5.21
CA VAL A 194 17.03 1.25 4.51
CA VAL A 194 17.01 1.31 4.53
C VAL A 194 16.10 2.00 5.48
C VAL A 194 16.12 2.05 5.52
N ASP A 195 15.85 1.45 6.69
CA ASP A 195 15.01 2.12 7.69
C ASP A 195 15.68 3.42 8.16
N GLY A 196 16.97 3.31 8.42
CA GLY A 196 17.74 4.45 8.88
C GLY A 196 17.84 5.53 7.83
N LEU A 197 18.12 5.11 6.58
CA LEU A 197 18.27 6.10 5.50
C LEU A 197 16.96 6.87 5.26
N ILE A 198 15.88 6.11 5.09
CA ILE A 198 14.60 6.74 4.82
C ILE A 198 14.18 7.61 6.02
N GLY A 199 14.39 7.10 7.23
CA GLY A 199 14.07 7.87 8.44
C GLY A 199 14.76 9.22 8.50
N VAL A 200 16.08 9.23 8.34
CA VAL A 200 16.80 10.51 8.45
C VAL A 200 16.58 11.39 7.26
N ALA A 201 16.42 10.82 6.04
CA ALA A 201 16.17 11.66 4.87
C ALA A 201 14.79 12.31 4.99
N PHE A 202 13.79 11.63 5.58
CA PHE A 202 12.49 12.27 5.80
C PHE A 202 12.57 13.40 6.80
N VAL A 203 13.42 13.28 7.82
CA VAL A 203 13.55 14.39 8.73
C VAL A 203 14.11 15.58 7.95
N ASP A 204 15.18 15.34 7.15
CA ASP A 204 15.74 16.42 6.36
C ASP A 204 14.69 16.99 5.38
N MET A 205 13.90 16.15 4.75
CA MET A 205 12.88 16.63 3.83
C MET A 205 11.81 17.45 4.57
N LEU A 206 11.26 16.91 5.71
CA LEU A 206 10.20 17.62 6.46
C LEU A 206 10.71 18.96 6.99
N ARG A 207 11.94 18.98 7.52
CA ARG A 207 12.47 20.20 8.11
C ARG A 207 12.82 21.26 7.08
N ASN A 208 13.22 20.86 5.84
CA ASN A 208 13.75 21.81 4.89
C ASN A 208 12.97 21.96 3.58
N CYS A 209 11.86 21.24 3.31
CA CYS A 209 11.15 21.37 2.01
C CYS A 209 10.36 22.66 1.89
N GLY A 210 10.09 23.32 3.02
CA GLY A 210 9.36 24.58 3.05
C GLY A 210 7.88 24.47 3.32
N SER A 211 7.30 23.24 3.35
CA SER A 211 5.87 23.06 3.61
C SER A 211 5.52 23.00 5.10
N PHE A 212 6.54 22.83 5.97
CA PHE A 212 6.32 22.64 7.39
C PHE A 212 7.18 23.55 8.23
N THR A 213 6.68 23.88 9.42
CA THR A 213 7.46 24.55 10.46
C THR A 213 8.22 23.43 11.18
N ARG A 214 9.21 23.76 12.03
CA ARG A 214 9.93 22.73 12.80
C ARG A 214 8.98 21.96 13.69
N GLU A 215 8.00 22.65 14.28
CA GLU A 215 7.03 22.04 15.17
C GLU A 215 6.19 21.01 14.40
N GLU A 216 5.76 21.35 13.16
CA GLU A 216 4.98 20.43 12.34
C GLU A 216 5.82 19.22 11.95
N ALA A 217 7.08 19.46 11.53
CA ALA A 217 8.01 18.35 11.17
C ALA A 217 8.21 17.42 12.36
N ASP A 218 8.48 17.97 13.55
CA ASP A 218 8.67 17.17 14.76
C ASP A 218 7.39 16.37 15.11
N GLU A 219 6.21 16.91 14.86
CA GLU A 219 4.96 16.20 15.15
C GLU A 219 4.78 15.01 14.23
N TYR A 220 5.00 15.19 12.94
CA TYR A 220 4.85 14.06 12.02
C TYR A 220 5.77 12.90 12.36
N ILE A 221 6.96 13.22 12.85
CA ILE A 221 7.87 12.18 13.27
C ILE A 221 7.32 11.51 14.55
N ASP A 222 6.84 12.31 15.51
CA ASP A 222 6.29 11.81 16.77
C ASP A 222 5.10 10.89 16.60
N ILE A 223 4.21 11.20 15.66
CA ILE A 223 3.00 10.40 15.48
C ILE A 223 3.19 9.15 14.63
N GLY A 224 4.38 8.96 14.08
CA GLY A 224 4.70 7.71 13.40
C GLY A 224 4.45 7.63 11.90
N ALA A 225 4.46 8.75 11.21
CA ALA A 225 4.24 8.74 9.79
C ALA A 225 5.34 8.00 8.99
N LEU A 226 6.59 8.08 9.44
CA LEU A 226 7.67 7.52 8.64
C LEU A 226 7.60 6.01 8.50
N ASN A 227 7.22 5.30 9.56
CA ASN A 227 7.07 3.85 9.44
C ASN A 227 6.05 3.48 8.37
N GLY A 228 5.01 4.28 8.20
CA GLY A 228 4.00 4.08 7.17
C GLY A 228 4.57 3.89 5.79
N ILE A 229 5.68 4.59 5.51
CA ILE A 229 6.29 4.46 4.19
C ILE A 229 6.73 3.02 3.91
N PHE A 230 7.40 2.39 4.88
CA PHE A 230 7.81 1.00 4.71
C PHE A 230 6.62 0.08 4.59
N VAL A 231 5.63 0.28 5.44
CA VAL A 231 4.46 -0.58 5.43
C VAL A 231 3.75 -0.53 4.09
N LEU A 232 3.51 0.69 3.57
CA LEU A 232 2.82 0.82 2.31
C LEU A 232 3.69 0.27 1.16
N GLY A 233 4.98 0.53 1.20
CA GLY A 233 5.85 0.05 0.15
C GLY A 233 5.96 -1.46 0.11
N ARG A 234 6.24 -2.06 1.25
CA ARG A 234 6.43 -3.50 1.32
C ARG A 234 5.16 -4.29 1.17
N SER A 235 3.99 -3.65 1.38
CA SER A 235 2.73 -4.30 1.07
C SER A 235 2.70 -4.76 -0.40
N MET A 236 3.30 -4.01 -1.33
N MET A 236 3.34 -4.00 -1.31
CA MET A 236 3.30 -4.47 -2.71
CA MET A 236 3.44 -4.37 -2.73
C MET A 236 4.03 -5.80 -2.84
C MET A 236 4.06 -5.75 -2.86
N GLY A 237 5.20 -5.94 -2.24
CA GLY A 237 5.92 -7.21 -2.32
C GLY A 237 5.20 -8.34 -1.62
N PHE A 238 4.63 -8.10 -0.44
CA PHE A 238 3.90 -9.17 0.25
C PHE A 238 2.72 -9.63 -0.55
N ILE A 239 1.98 -8.72 -1.20
CA ILE A 239 0.91 -9.19 -2.08
C ILE A 239 1.51 -9.99 -3.27
N GLY A 240 2.63 -9.54 -3.81
CA GLY A 240 3.32 -10.30 -4.85
C GLY A 240 3.64 -11.73 -4.43
N HIS A 241 4.14 -11.89 -3.20
CA HIS A 241 4.43 -13.23 -2.68
C HIS A 241 3.18 -14.07 -2.51
N TYR A 242 2.10 -13.48 -2.02
CA TYR A 242 0.83 -14.20 -1.91
C TYR A 242 0.42 -14.74 -3.30
N LEU A 243 0.45 -13.85 -4.33
CA LEU A 243 0.04 -14.26 -5.67
C LEU A 243 0.94 -15.34 -6.23
N ASP A 244 2.24 -15.21 -5.98
CA ASP A 244 3.21 -16.18 -6.48
C ASP A 244 2.97 -17.55 -5.89
N GLN A 245 2.75 -17.64 -4.57
CA GLN A 245 2.52 -18.93 -3.95
C GLN A 245 1.24 -19.61 -4.47
N LYS A 246 0.21 -18.83 -4.76
N LYS A 246 0.19 -18.77 -4.71
CA LYS A 246 -0.99 -19.47 -5.30
CA LYS A 246 -1.08 -19.26 -5.26
C LYS A 246 -0.78 -19.93 -6.71
C LYS A 246 -0.91 -19.75 -6.70
N ARG A 247 -0.13 -19.11 -7.54
N ARG A 247 -0.09 -19.06 -7.51
CA ARG A 247 0.15 -19.51 -8.92
CA ARG A 247 0.16 -19.50 -8.91
C ARG A 247 1.08 -20.74 -8.97
C ARG A 247 1.04 -20.74 -8.94
N LEU A 248 2.00 -20.86 -8.01
CA LEU A 248 2.91 -22.01 -7.94
C LEU A 248 2.22 -23.23 -7.27
N LYS A 249 0.96 -23.09 -6.85
CA LYS A 249 0.15 -24.16 -6.25
C LYS A 249 0.86 -24.80 -5.09
N GLN A 250 1.42 -23.93 -4.23
CA GLN A 250 2.18 -24.41 -3.10
C GLN A 250 1.23 -24.85 -1.97
N GLY A 251 1.45 -26.06 -1.46
CA GLY A 251 0.62 -26.69 -0.44
C GLY A 251 0.99 -26.30 0.97
N LEU A 252 0.19 -26.79 1.91
CA LEU A 252 0.35 -26.49 3.33
C LEU A 252 1.79 -26.74 3.80
N TYR A 253 2.38 -25.76 4.47
CA TYR A 253 3.73 -25.89 5.01
C TYR A 253 3.67 -26.31 6.46
N ARG A 254 4.62 -27.16 6.87
CA ARG A 254 4.81 -27.54 8.27
C ARG A 254 6.31 -27.54 8.47
N HIS A 255 6.82 -26.82 9.46
CA HIS A 255 8.27 -26.70 9.62
C HIS A 255 8.89 -28.02 10.05
N PRO A 256 10.10 -28.35 9.54
CA PRO A 256 10.70 -29.63 9.90
C PRO A 256 11.15 -29.72 11.34
N TRP A 257 10.85 -30.84 11.97
CA TRP A 257 11.26 -31.10 13.33
C TRP A 257 12.78 -31.04 13.50
N ASP A 258 13.57 -31.41 12.48
CA ASP A 258 15.03 -31.38 12.63
C ASP A 258 15.59 -29.97 12.81
N ASP A 259 14.80 -28.95 12.51
CA ASP A 259 15.25 -27.56 12.71
C ASP A 259 14.69 -26.97 14.00
N ILE A 260 14.13 -27.80 14.89
CA ILE A 260 13.54 -27.34 16.14
C ILE A 260 14.12 -28.15 17.28
N SER A 261 14.65 -27.47 18.31
CA SER A 261 15.14 -28.11 19.51
C SER A 261 14.03 -28.08 20.57
N TYR A 262 13.44 -29.24 20.86
CA TYR A 262 12.39 -29.39 21.88
C TYR A 262 13.09 -29.67 23.18
N VAL A 263 12.98 -28.75 24.12
CA VAL A 263 13.56 -28.94 25.46
C VAL A 263 12.47 -28.59 26.47
N LEU A 264 11.69 -29.58 26.80
CA LEU A 264 10.57 -29.46 27.73
C LEU A 264 11.01 -29.81 29.14
N PRO A 265 10.25 -29.38 30.16
CA PRO A 265 10.57 -29.80 31.53
C PRO A 265 10.49 -31.31 31.71
N GLU A 266 11.29 -31.86 32.65
CA GLU A 266 11.26 -33.29 32.94
C GLU A 266 10.00 -33.62 33.74
N LYS B 5 17.64 -32.30 1.67
CA LYS B 5 18.33 -31.14 1.08
C LYS B 5 17.51 -30.41 0.01
N PRO B 6 16.42 -30.95 -0.60
CA PRO B 6 15.67 -30.13 -1.58
C PRO B 6 15.04 -28.91 -0.92
N ALA B 7 14.93 -27.82 -1.65
CA ALA B 7 14.34 -26.60 -1.08
C ALA B 7 12.87 -26.76 -0.80
N SER B 8 12.42 -26.26 0.35
CA SER B 8 11.03 -26.35 0.76
C SER B 8 10.18 -25.22 0.21
N PHE B 9 10.79 -24.09 -0.17
CA PHE B 9 10.08 -22.93 -0.69
C PHE B 9 10.50 -22.63 -2.10
N MET B 10 9.57 -22.11 -2.90
N MET B 10 9.59 -22.02 -2.83
CA MET B 10 9.83 -21.65 -4.25
CA MET B 10 9.79 -21.64 -4.20
C MET B 10 9.43 -20.17 -4.30
C MET B 10 9.35 -20.19 -4.37
N THR B 11 10.13 -19.39 -5.09
CA THR B 11 9.85 -17.97 -5.24
C THR B 11 10.24 -17.51 -6.64
N SER B 12 9.49 -16.53 -7.17
CA SER B 12 9.67 -16.06 -8.53
C SER B 12 9.85 -14.58 -8.69
N ILE B 13 9.69 -13.78 -7.63
CA ILE B 13 9.47 -12.35 -7.83
C ILE B 13 10.64 -11.45 -7.57
N CYS B 14 11.51 -11.82 -6.65
CA CYS B 14 12.57 -10.90 -6.20
C CYS B 14 13.77 -11.69 -5.75
N ASP B 15 14.98 -11.27 -6.13
CA ASP B 15 16.18 -11.92 -5.68
C ASP B 15 17.05 -10.86 -5.01
N GLU B 16 17.20 -10.97 -3.68
CA GLU B 16 17.99 -10.03 -2.89
C GLU B 16 19.32 -10.64 -2.47
N ARG B 17 19.69 -11.81 -2.98
CA ARG B 17 20.89 -12.49 -2.53
C ARG B 17 22.18 -11.90 -3.07
N GLY B 18 22.14 -11.24 -4.21
CA GLY B 18 23.35 -10.74 -4.84
C GLY B 18 23.78 -9.38 -4.36
N GLN B 19 24.76 -8.79 -5.00
CA GLN B 19 25.21 -7.47 -4.58
C GLN B 19 24.10 -6.44 -4.82
N GLU B 20 23.43 -6.54 -5.97
CA GLU B 20 22.35 -5.65 -6.34
C GLU B 20 20.99 -6.36 -6.34
N LEU B 21 19.96 -5.73 -5.69
CA LEU B 21 18.59 -6.23 -5.66
C LEU B 21 18.03 -6.36 -7.07
N ILE B 22 17.27 -7.43 -7.30
CA ILE B 22 16.62 -7.70 -8.57
C ILE B 22 15.10 -7.87 -8.33
N TYR B 23 14.26 -7.19 -9.16
CA TYR B 23 12.78 -7.40 -9.19
C TYR B 23 12.46 -8.09 -10.51
N ALA B 24 12.10 -9.36 -10.42
CA ALA B 24 11.66 -10.18 -11.55
C ALA B 24 12.60 -10.11 -12.76
N GLY B 25 13.89 -10.23 -12.49
CA GLY B 25 14.90 -10.21 -13.53
C GLY B 25 15.54 -8.87 -13.84
N MET B 26 14.97 -7.77 -13.32
N MET B 26 14.95 -7.76 -13.36
CA MET B 26 15.51 -6.44 -13.55
CA MET B 26 15.43 -6.40 -13.61
C MET B 26 16.24 -5.94 -12.34
C MET B 26 16.20 -5.88 -12.39
N PRO B 27 17.50 -5.60 -12.49
CA PRO B 27 18.22 -5.01 -11.36
C PRO B 27 17.54 -3.68 -10.98
N ILE B 28 17.56 -3.35 -9.69
CA ILE B 28 16.88 -2.13 -9.22
C ILE B 28 17.37 -0.87 -9.92
N THR B 29 18.65 -0.81 -10.30
CA THR B 29 19.13 0.37 -11.01
C THR B 29 18.43 0.51 -12.38
N GLU B 30 18.12 -0.61 -13.05
N GLU B 30 18.14 -0.61 -13.04
CA GLU B 30 17.46 -0.59 -14.34
CA GLU B 30 17.47 -0.59 -14.33
C GLU B 30 16.01 -0.18 -14.17
C GLU B 30 16.01 -0.21 -14.19
N VAL B 31 15.36 -0.57 -13.07
CA VAL B 31 13.96 -0.19 -12.80
C VAL B 31 13.86 1.35 -12.81
N PHE B 32 14.83 2.02 -12.16
CA PHE B 32 14.85 3.49 -12.14
C PHE B 32 15.32 4.09 -13.45
N LYS B 33 16.32 3.49 -14.11
CA LYS B 33 16.78 4.02 -15.41
C LYS B 33 15.66 4.01 -16.45
N GLU B 34 14.83 2.97 -16.44
CA GLU B 34 13.72 2.80 -17.36
C GLU B 34 12.46 3.55 -16.90
N GLU B 35 12.52 4.28 -15.78
CA GLU B 35 11.41 5.09 -15.26
C GLU B 35 10.14 4.24 -15.15
N MET B 36 10.26 3.07 -14.56
N MET B 36 10.28 3.05 -14.56
CA MET B 36 9.13 2.14 -14.49
CA MET B 36 9.20 2.07 -14.41
C MET B 36 8.03 2.59 -13.54
C MET B 36 8.06 2.57 -13.53
N GLY B 37 8.40 3.34 -12.50
CA GLY B 37 7.43 3.84 -11.55
C GLY B 37 6.82 2.77 -10.69
N ILE B 38 5.90 3.17 -9.83
CA ILE B 38 5.23 2.22 -8.94
C ILE B 38 4.43 1.22 -9.75
N GLY B 39 3.76 1.66 -10.80
CA GLY B 39 2.96 0.77 -11.61
C GLY B 39 3.82 -0.29 -12.28
N GLY B 40 4.99 0.09 -12.77
CA GLY B 40 5.93 -0.86 -13.36
C GLY B 40 6.50 -1.85 -12.36
N VAL B 41 6.80 -1.36 -11.15
CA VAL B 41 7.25 -2.26 -10.09
C VAL B 41 6.14 -3.25 -9.74
N LEU B 42 4.87 -2.81 -9.72
CA LEU B 42 3.78 -3.73 -9.46
C LEU B 42 3.70 -4.78 -10.57
N GLY B 43 3.87 -4.37 -11.81
CA GLY B 43 3.85 -5.34 -12.91
C GLY B 43 4.93 -6.41 -12.72
N LEU B 44 6.11 -6.00 -12.28
CA LEU B 44 7.22 -6.94 -12.06
C LEU B 44 6.93 -7.85 -10.89
N LEU B 45 6.57 -7.27 -9.73
CA LEU B 45 6.38 -8.06 -8.51
C LEU B 45 5.13 -8.90 -8.47
N TRP B 46 4.03 -8.44 -9.07
CA TRP B 46 2.80 -9.21 -9.05
C TRP B 46 2.69 -10.17 -10.21
N PHE B 47 3.16 -9.75 -11.40
CA PHE B 47 2.96 -10.53 -12.62
C PHE B 47 4.20 -11.02 -13.30
N GLN B 48 5.37 -10.56 -12.88
CA GLN B 48 6.63 -10.89 -13.49
C GLN B 48 6.63 -10.54 -14.97
N LYS B 49 6.05 -9.37 -15.29
CA LYS B 49 6.01 -8.87 -16.64
C LYS B 49 6.49 -7.45 -16.67
N ARG B 50 7.01 -7.06 -17.83
CA ARG B 50 7.37 -5.68 -18.12
C ARG B 50 6.16 -5.12 -18.83
N LEU B 51 5.28 -4.40 -18.13
CA LEU B 51 4.06 -3.95 -18.77
C LEU B 51 4.26 -2.71 -19.63
N PRO B 52 3.38 -2.49 -20.62
CA PRO B 52 3.47 -1.24 -21.39
C PRO B 52 3.31 -0.01 -20.48
N LYS B 53 3.92 1.11 -20.86
CA LYS B 53 3.85 2.34 -20.06
C LYS B 53 2.41 2.75 -19.76
N TYR B 54 1.50 2.64 -20.74
CA TYR B 54 0.13 3.05 -20.49
C TYR B 54 -0.57 2.15 -19.46
N SER B 55 -0.19 0.86 -19.42
CA SER B 55 -0.72 -0.06 -18.41
C SER B 55 -0.23 0.30 -17.03
N CYS B 56 1.07 0.62 -16.93
CA CYS B 56 1.66 1.05 -15.66
C CYS B 56 0.96 2.30 -15.14
N GLN B 57 0.70 3.26 -16.03
CA GLN B 57 0.04 4.50 -15.63
C GLN B 57 -1.38 4.23 -15.19
N PHE B 58 -2.08 3.33 -15.88
CA PHE B 58 -3.43 2.93 -15.49
C PHE B 58 -3.41 2.34 -14.06
N ILE B 59 -2.45 1.44 -13.76
CA ILE B 59 -2.35 0.84 -12.41
C ILE B 59 -2.20 1.95 -11.37
N GLU B 60 -1.34 2.94 -11.65
CA GLU B 60 -1.13 4.02 -10.69
C GLU B 60 -2.41 4.83 -10.51
N MET B 61 -3.13 5.09 -11.58
N MET B 61 -3.12 5.10 -11.60
CA MET B 61 -4.39 5.82 -11.46
CA MET B 61 -4.40 5.81 -11.51
C MET B 61 -5.39 5.05 -10.60
C MET B 61 -5.39 5.05 -10.61
N CYS B 62 -5.44 3.70 -10.72
CA CYS B 62 -6.31 2.88 -9.86
C CYS B 62 -5.93 3.04 -8.40
N LEU B 63 -4.64 3.03 -8.10
CA LEU B 63 -4.21 3.20 -6.70
C LEU B 63 -4.55 4.62 -6.20
N MET B 64 -4.48 5.62 -7.07
CA MET B 64 -4.83 6.99 -6.65
C MET B 64 -6.33 7.14 -6.42
N VAL B 65 -7.17 6.57 -7.31
CA VAL B 65 -8.60 6.75 -7.12
C VAL B 65 -9.16 5.95 -5.98
N THR B 66 -8.51 4.84 -5.57
CA THR B 66 -9.00 4.01 -4.45
C THR B 66 -8.35 4.41 -3.12
N ALA B 67 -7.47 5.43 -3.12
CA ALA B 67 -6.69 5.77 -1.94
C ALA B 67 -7.53 6.02 -0.71
N ASP B 68 -8.63 6.74 -0.82
CA ASP B 68 -9.51 6.91 0.33
C ASP B 68 -10.91 7.24 -0.12
N HIS B 69 -11.89 6.95 0.74
CA HIS B 69 -13.26 7.40 0.49
C HIS B 69 -13.93 7.80 1.79
N GLY B 70 -13.18 8.44 2.65
CA GLY B 70 -13.69 8.99 3.87
C GLY B 70 -13.65 8.08 5.08
N PRO B 71 -14.02 8.64 6.23
CA PRO B 71 -13.90 7.93 7.52
C PRO B 71 -15.08 7.09 7.92
N ALA B 72 -16.17 7.11 7.15
CA ALA B 72 -17.42 6.46 7.56
C ALA B 72 -17.49 5.00 7.16
N VAL B 73 -16.74 4.61 6.12
CA VAL B 73 -16.78 3.24 5.61
C VAL B 73 -16.14 2.28 6.61
N SER B 74 -16.54 1.01 6.56
CA SER B 74 -16.16 0.02 7.56
C SER B 74 -14.69 0.03 7.94
N GLY B 75 -13.80 -0.11 6.96
CA GLY B 75 -12.39 -0.24 7.31
C GLY B 75 -11.79 1.03 7.84
N ALA B 76 -12.19 2.20 7.31
CA ALA B 76 -11.61 3.45 7.80
C ALA B 76 -12.08 3.66 9.23
N HIS B 77 -13.37 3.38 9.47
CA HIS B 77 -13.95 3.48 10.80
C HIS B 77 -13.22 2.59 11.80
N ASN B 78 -12.97 1.34 11.44
CA ASN B 78 -12.24 0.44 12.33
C ASN B 78 -10.80 0.90 12.60
N THR B 79 -10.10 1.39 11.57
CA THR B 79 -8.75 1.92 11.76
C THR B 79 -8.78 3.12 12.71
N ILE B 80 -9.79 4.00 12.55
CA ILE B 80 -9.96 5.15 13.41
C ILE B 80 -10.15 4.73 14.85
N ILE B 81 -11.06 3.82 15.08
N ILE B 81 -10.90 3.65 15.09
CA ILE B 81 -11.32 3.37 16.45
CA ILE B 81 -11.13 3.14 16.46
C ILE B 81 -10.07 2.74 17.04
C ILE B 81 -9.84 2.68 17.10
N CYS B 82 -9.34 1.98 16.22
N CYS B 82 -9.03 1.89 16.38
CA CYS B 82 -8.11 1.36 16.70
CA CYS B 82 -7.74 1.45 16.91
C CYS B 82 -7.02 2.43 17.07
C CYS B 82 -6.91 2.60 17.22
N ALA B 83 -6.87 3.52 16.27
CA ALA B 83 -5.98 4.66 16.51
C ALA B 83 -6.40 5.38 17.79
N ARG B 84 -7.72 5.55 17.98
CA ARG B 84 -8.25 6.20 19.17
C ARG B 84 -8.08 5.38 20.43
N ALA B 85 -7.85 4.07 20.28
CA ALA B 85 -7.56 3.20 21.41
C ALA B 85 -6.03 3.18 21.71
N GLY B 86 -5.27 4.05 21.05
CA GLY B 86 -3.86 4.21 21.36
C GLY B 86 -2.93 3.18 20.75
N LYS B 87 -3.41 2.46 19.73
CA LYS B 87 -2.60 1.42 19.10
C LYS B 87 -1.64 1.98 18.07
N ASP B 88 -0.69 1.15 17.71
CA ASP B 88 0.33 1.44 16.72
C ASP B 88 -0.24 1.41 15.29
N LEU B 89 0.53 1.92 14.37
CA LEU B 89 0.11 2.05 12.97
C LEU B 89 -0.24 0.74 12.33
N VAL B 90 0.61 -0.28 12.44
CA VAL B 90 0.32 -1.54 11.81
C VAL B 90 -0.94 -2.19 12.35
N SER B 91 -1.10 -2.22 13.67
CA SER B 91 -2.29 -2.81 14.25
C SER B 91 -3.53 -2.09 13.78
N SER B 92 -3.48 -0.76 13.73
CA SER B 92 -4.65 0.03 13.33
C SER B 92 -4.98 -0.14 11.86
N LEU B 93 -3.98 -0.08 11.00
CA LEU B 93 -4.18 -0.31 9.57
C LEU B 93 -4.81 -1.69 9.37
N THR B 94 -4.22 -2.71 10.01
N THR B 94 -4.24 -2.74 9.98
CA THR B 94 -4.66 -4.10 9.88
CA THR B 94 -4.75 -4.10 9.71
C THR B 94 -6.11 -4.27 10.30
C THR B 94 -6.14 -4.34 10.32
N SER B 95 -6.50 -3.66 11.42
CA SER B 95 -7.85 -3.77 11.93
C SER B 95 -8.85 -3.32 10.87
N GLY B 96 -8.50 -2.28 10.13
CA GLY B 96 -9.32 -1.80 9.03
C GLY B 96 -9.23 -2.65 7.79
N LEU B 97 -8.04 -3.10 7.41
CA LEU B 97 -7.93 -3.94 6.21
C LEU B 97 -8.72 -5.22 6.36
N LEU B 98 -8.83 -5.75 7.57
CA LEU B 98 -9.53 -7.01 7.80
C LEU B 98 -11.05 -6.92 7.56
N THR B 99 -11.59 -5.72 7.34
CA THR B 99 -12.99 -5.57 6.95
C THR B 99 -13.20 -5.76 5.45
N ILE B 100 -12.11 -5.84 4.67
CA ILE B 100 -12.23 -5.85 3.21
C ILE B 100 -12.44 -7.25 2.65
N GLY B 101 -13.25 -7.35 1.63
CA GLY B 101 -13.28 -8.57 0.84
C GLY B 101 -14.62 -9.03 0.39
N ASP B 102 -15.67 -8.64 1.08
CA ASP B 102 -17.00 -9.09 0.74
C ASP B 102 -17.93 -7.87 0.49
N ARG B 103 -18.65 -7.42 1.49
CA ARG B 103 -19.59 -6.30 1.35
C ARG B 103 -18.87 -4.96 1.21
N PHE B 104 -17.63 -4.90 1.67
CA PHE B 104 -16.82 -3.67 1.56
C PHE B 104 -15.48 -3.98 0.86
N GLY B 105 -15.22 -3.33 -0.30
CA GLY B 105 -13.96 -3.44 -1.01
C GLY B 105 -13.84 -4.76 -1.80
N GLY B 106 -14.94 -5.56 -1.88
CA GLY B 106 -14.99 -6.82 -2.64
C GLY B 106 -15.57 -6.72 -4.04
N ALA B 107 -16.24 -5.59 -4.37
CA ALA B 107 -16.90 -5.50 -5.69
C ALA B 107 -15.96 -5.38 -6.87
N LEU B 108 -14.69 -4.97 -6.70
CA LEU B 108 -13.76 -4.90 -7.84
C LEU B 108 -13.56 -6.31 -8.38
N ASP B 109 -13.19 -7.21 -7.48
CA ASP B 109 -12.98 -8.61 -7.84
C ASP B 109 -14.28 -9.26 -8.34
N ALA B 110 -15.37 -9.01 -7.66
CA ALA B 110 -16.61 -9.69 -8.03
C ALA B 110 -17.13 -9.19 -9.38
N ALA B 111 -16.94 -7.90 -9.68
CA ALA B 111 -17.34 -7.36 -11.00
C ALA B 111 -16.50 -7.96 -12.10
N ALA B 112 -15.18 -8.05 -11.89
CA ALA B 112 -14.31 -8.67 -12.91
C ALA B 112 -14.76 -10.07 -13.20
N LYS B 113 -15.01 -10.84 -12.15
CA LYS B 113 -15.41 -12.24 -12.35
C LYS B 113 -16.79 -12.37 -13.00
N MET B 114 -17.74 -11.55 -12.55
CA MET B 114 -19.11 -11.67 -13.06
C MET B 114 -19.21 -11.23 -14.51
N PHE B 115 -18.68 -10.06 -14.83
CA PHE B 115 -18.73 -9.58 -16.23
C PHE B 115 -17.89 -10.52 -17.13
N SER B 116 -16.71 -11.06 -16.65
CA SER B 116 -15.90 -11.97 -17.49
C SER B 116 -16.65 -13.26 -17.77
N LYS B 117 -17.39 -13.76 -16.77
CA LYS B 117 -18.17 -14.99 -16.94
C LYS B 117 -19.29 -14.77 -17.96
N ALA B 118 -20.00 -13.66 -17.86
CA ALA B 118 -21.07 -13.36 -18.84
C ALA B 118 -20.51 -13.18 -20.23
N PHE B 119 -19.46 -12.37 -20.35
CA PHE B 119 -18.84 -12.13 -21.66
C PHE B 119 -18.38 -13.46 -22.29
N ASP B 120 -17.61 -14.24 -21.53
CA ASP B 120 -17.05 -15.49 -22.04
C ASP B 120 -18.11 -16.55 -22.40
N SER B 121 -19.30 -16.48 -21.79
CA SER B 121 -20.38 -17.42 -22.09
C SER B 121 -21.05 -17.12 -23.40
N GLY B 122 -20.81 -15.93 -23.99
CA GLY B 122 -21.44 -15.53 -25.24
C GLY B 122 -22.82 -14.91 -25.06
N ILE B 123 -23.29 -14.76 -23.80
CA ILE B 123 -24.61 -14.13 -23.59
C ILE B 123 -24.51 -12.63 -23.86
N ILE B 124 -25.45 -12.04 -24.61
CA ILE B 124 -25.42 -10.62 -24.90
C ILE B 124 -25.81 -9.81 -23.64
N PRO B 125 -25.46 -8.52 -23.58
CA PRO B 125 -25.77 -7.72 -22.38
C PRO B 125 -27.21 -7.76 -21.88
N MET B 126 -28.17 -7.57 -22.82
CA MET B 126 -29.56 -7.54 -22.42
C MET B 126 -30.02 -8.84 -21.80
N GLU B 127 -29.54 -9.96 -22.32
CA GLU B 127 -29.88 -11.27 -21.78
C GLU B 127 -29.17 -11.55 -20.43
N PHE B 128 -27.93 -11.03 -20.20
CA PHE B 128 -27.20 -11.09 -18.91
C PHE B 128 -28.02 -10.32 -17.86
N VAL B 129 -28.52 -9.12 -18.19
CA VAL B 129 -29.31 -8.36 -17.23
C VAL B 129 -30.59 -9.10 -16.85
N ASN B 130 -31.31 -9.64 -17.83
CA ASN B 130 -32.54 -10.35 -17.54
C ASN B 130 -32.30 -11.63 -16.73
N LYS B 131 -31.21 -12.34 -17.01
CA LYS B 131 -30.83 -13.57 -16.29
C LYS B 131 -30.54 -13.28 -14.84
N MET B 132 -29.79 -12.21 -14.58
CA MET B 132 -29.43 -11.84 -13.22
C MET B 132 -30.68 -11.43 -12.46
N LYS B 133 -31.59 -10.71 -13.11
CA LYS B 133 -32.82 -10.31 -12.43
C LYS B 133 -33.67 -11.55 -12.10
N LYS B 134 -33.73 -12.54 -12.99
CA LYS B 134 -34.49 -13.77 -12.72
C LYS B 134 -33.88 -14.60 -11.59
N GLU B 135 -32.55 -14.62 -11.48
CA GLU B 135 -31.85 -15.33 -10.42
C GLU B 135 -31.85 -14.58 -9.08
N GLY B 136 -32.27 -13.32 -9.06
CA GLY B 136 -32.26 -12.48 -7.86
C GLY B 136 -30.86 -12.07 -7.46
N LYS B 137 -29.96 -11.91 -8.45
CA LYS B 137 -28.56 -11.55 -8.22
C LYS B 137 -28.30 -10.15 -8.69
N LEU B 138 -27.74 -9.33 -7.81
CA LEU B 138 -27.34 -7.99 -8.18
C LEU B 138 -26.13 -8.07 -9.10
N ILE B 139 -26.04 -7.14 -10.06
CA ILE B 139 -24.90 -7.05 -10.95
C ILE B 139 -23.77 -6.32 -10.20
N MET B 140 -22.65 -7.01 -9.99
CA MET B 140 -21.52 -6.42 -9.28
C MET B 140 -20.84 -5.36 -10.11
N GLY B 141 -20.56 -4.21 -9.50
CA GLY B 141 -19.95 -3.12 -10.23
C GLY B 141 -20.97 -2.18 -10.86
N ILE B 142 -22.27 -2.43 -10.62
CA ILE B 142 -23.36 -1.55 -11.04
C ILE B 142 -24.02 -1.02 -9.77
N GLY B 143 -24.43 0.24 -9.83
CA GLY B 143 -25.16 0.89 -8.76
C GLY B 143 -24.33 1.86 -7.97
N HIS B 144 -24.99 2.88 -7.46
CA HIS B 144 -24.32 3.89 -6.66
C HIS B 144 -25.27 4.44 -5.70
N ARG B 145 -24.78 4.62 -4.48
CA ARG B 145 -25.57 5.15 -3.39
C ARG B 145 -25.96 6.63 -3.61
N VAL B 146 -25.10 7.45 -4.33
CA VAL B 146 -25.41 8.87 -4.49
C VAL B 146 -25.36 9.41 -5.93
N LYS B 147 -24.60 8.82 -6.87
CA LYS B 147 -24.50 9.31 -8.26
C LYS B 147 -25.43 8.57 -9.22
N SER B 148 -25.52 9.07 -10.49
CA SER B 148 -26.48 8.57 -11.44
C SER B 148 -26.17 9.04 -12.85
N ILE B 149 -27.01 8.60 -13.79
CA ILE B 149 -26.74 8.81 -15.21
C ILE B 149 -26.45 10.27 -15.58
N ASN B 150 -27.17 11.26 -15.01
CA ASN B 150 -26.92 12.67 -15.33
C ASN B 150 -26.18 13.37 -14.17
N ASN B 151 -25.66 12.61 -13.19
CA ASN B 151 -24.92 13.17 -12.06
C ASN B 151 -23.74 12.18 -11.89
N PRO B 152 -22.77 12.23 -12.79
CA PRO B 152 -21.75 11.19 -12.84
C PRO B 152 -20.76 11.20 -11.74
N ASP B 153 -20.11 10.02 -11.60
CA ASP B 153 -19.01 9.84 -10.67
C ASP B 153 -17.73 10.25 -11.38
N MET B 154 -17.00 11.21 -10.80
CA MET B 154 -15.80 11.74 -11.43
C MET B 154 -14.64 10.79 -11.46
N ARG B 155 -14.54 9.90 -10.49
CA ARG B 155 -13.47 8.88 -10.53
C ARG B 155 -13.70 7.95 -11.72
N VAL B 156 -14.98 7.58 -11.97
CA VAL B 156 -15.31 6.76 -13.11
C VAL B 156 -14.94 7.53 -14.39
N GLN B 157 -15.31 8.81 -14.47
CA GLN B 157 -15.06 9.59 -15.67
C GLN B 157 -13.57 9.71 -15.97
N ILE B 158 -12.76 9.97 -14.96
CA ILE B 158 -11.31 10.11 -15.19
C ILE B 158 -10.69 8.80 -15.66
N LEU B 159 -10.99 7.72 -14.96
N LEU B 159 -11.00 7.75 -14.96
CA LEU B 159 -10.41 6.43 -15.33
CA LEU B 159 -10.40 6.47 -15.28
C LEU B 159 -10.89 5.98 -16.68
C LEU B 159 -10.91 5.92 -16.63
N LYS B 160 -12.21 6.07 -16.92
CA LYS B 160 -12.76 5.62 -18.19
C LYS B 160 -12.17 6.38 -19.35
N ASP B 161 -11.98 7.68 -19.19
CA ASP B 161 -11.39 8.51 -20.24
C ASP B 161 -9.96 8.03 -20.54
N TYR B 162 -9.18 7.74 -19.50
CA TYR B 162 -7.82 7.26 -19.72
C TYR B 162 -7.82 5.95 -20.50
N VAL B 163 -8.63 5.01 -20.05
CA VAL B 163 -8.70 3.70 -20.69
C VAL B 163 -9.09 3.79 -22.14
N ARG B 164 -10.11 4.55 -22.43
CA ARG B 164 -10.56 4.64 -23.79
C ARG B 164 -9.55 5.35 -24.69
N GLN B 165 -8.76 6.31 -24.15
CA GLN B 165 -7.75 7.01 -24.94
C GLN B 165 -6.47 6.21 -25.16
N HIS B 166 -6.12 5.28 -24.25
CA HIS B 166 -4.85 4.57 -24.33
C HIS B 166 -4.92 3.09 -24.60
N PHE B 167 -5.99 2.41 -24.23
CA PHE B 167 -6.01 0.97 -24.44
C PHE B 167 -6.38 0.65 -25.89
N PRO B 168 -5.66 -0.17 -26.64
N PRO B 168 -5.61 -0.20 -26.62
CA PRO B 168 -6.10 -0.44 -28.03
CA PRO B 168 -6.01 -0.53 -28.00
C PRO B 168 -7.39 -1.27 -28.10
C PRO B 168 -7.28 -1.38 -28.13
N ALA B 169 -7.74 -2.07 -27.05
CA ALA B 169 -8.96 -2.88 -27.09
C ALA B 169 -9.54 -2.97 -25.69
N THR B 170 -10.83 -2.76 -25.59
CA THR B 170 -11.50 -2.78 -24.28
C THR B 170 -12.79 -3.55 -24.38
N PRO B 171 -12.77 -4.82 -24.82
CA PRO B 171 -14.04 -5.55 -25.03
C PRO B 171 -14.88 -5.74 -23.78
N LEU B 172 -14.28 -5.96 -22.62
CA LEU B 172 -15.07 -6.15 -21.42
C LEU B 172 -15.65 -4.83 -20.92
N LEU B 173 -14.89 -3.75 -20.98
CA LEU B 173 -15.43 -2.44 -20.63
C LEU B 173 -16.60 -2.11 -21.60
N ASP B 174 -16.45 -2.41 -22.89
CA ASP B 174 -17.50 -2.13 -23.87
C ASP B 174 -18.76 -2.89 -23.48
N TYR B 175 -18.62 -4.15 -23.09
CA TYR B 175 -19.72 -4.99 -22.66
C TYR B 175 -20.36 -4.38 -21.41
N ALA B 176 -19.56 -3.99 -20.42
CA ALA B 176 -20.09 -3.40 -19.20
C ALA B 176 -20.83 -2.08 -19.47
N LEU B 177 -20.34 -1.28 -20.42
CA LEU B 177 -21.01 -0.04 -20.79
C LEU B 177 -22.34 -0.32 -21.48
N GLU B 178 -22.48 -1.44 -22.20
CA GLU B 178 -23.77 -1.79 -22.80
C GLU B 178 -24.70 -2.20 -21.68
N VAL B 179 -24.19 -2.94 -20.70
CA VAL B 179 -25.01 -3.32 -19.57
C VAL B 179 -25.52 -2.05 -18.85
N GLU B 180 -24.64 -1.06 -18.65
CA GLU B 180 -25.00 0.21 -18.01
C GLU B 180 -26.11 0.94 -18.77
N LYS B 181 -26.07 0.94 -20.10
CA LYS B 181 -27.14 1.60 -20.86
C LYS B 181 -28.47 0.96 -20.52
N ILE B 182 -28.50 -0.36 -20.35
CA ILE B 182 -29.71 -1.07 -20.03
C ILE B 182 -30.12 -0.85 -18.58
N THR B 183 -29.20 -1.00 -17.61
CA THR B 183 -29.60 -0.87 -16.20
C THR B 183 -30.07 0.53 -15.84
N THR B 184 -29.46 1.57 -16.46
CA THR B 184 -29.86 2.94 -16.17
C THR B 184 -31.30 3.21 -16.72
N SER B 185 -31.85 2.32 -17.59
CA SER B 185 -33.25 2.40 -18.08
C SER B 185 -34.26 1.80 -17.09
N LYS B 186 -33.79 1.10 -16.06
CA LYS B 186 -34.65 0.61 -14.99
C LYS B 186 -34.62 1.68 -13.86
N LYS B 187 -33.42 2.08 -13.44
CA LYS B 187 -33.25 3.08 -12.40
C LYS B 187 -32.00 3.92 -12.75
N PRO B 188 -32.10 5.26 -12.69
CA PRO B 188 -30.97 6.11 -13.09
C PRO B 188 -29.68 5.95 -12.31
N ASN B 189 -29.74 5.41 -11.08
CA ASN B 189 -28.54 5.23 -10.25
C ASN B 189 -27.84 3.93 -10.53
N LEU B 190 -28.33 3.10 -11.47
CA LEU B 190 -27.67 1.85 -11.80
C LEU B 190 -26.56 2.07 -12.82
N ILE B 191 -25.64 2.97 -12.48
CA ILE B 191 -24.49 3.30 -13.29
C ILE B 191 -23.38 2.27 -13.07
N LEU B 192 -22.39 2.33 -13.95
CA LEU B 192 -21.14 1.59 -13.74
C LEU B 192 -20.35 2.38 -12.69
N ASN B 193 -20.06 1.74 -11.56
CA ASN B 193 -19.40 2.42 -10.47
C ASN B 193 -17.87 2.23 -10.57
N VAL B 194 -17.10 2.86 -9.69
N VAL B 194 -17.09 2.88 -9.67
CA VAL B 194 -15.65 2.80 -9.80
CA VAL B 194 -15.62 2.80 -9.69
C VAL B 194 -15.13 1.38 -9.62
C VAL B 194 -15.15 1.36 -9.64
N ASP B 195 -15.78 0.54 -8.79
CA ASP B 195 -15.38 -0.85 -8.63
C ASP B 195 -15.62 -1.63 -9.90
N GLY B 196 -16.76 -1.41 -10.56
CA GLY B 196 -17.06 -2.04 -11.83
C GLY B 196 -16.09 -1.61 -12.91
N LEU B 197 -15.80 -0.31 -12.96
N LEU B 197 -15.77 -0.32 -12.97
CA LEU B 197 -14.90 0.26 -13.97
CA LEU B 197 -14.85 0.16 -14.00
C LEU B 197 -13.48 -0.30 -13.82
C LEU B 197 -13.46 -0.42 -13.80
N ILE B 198 -12.92 -0.31 -12.58
CA ILE B 198 -11.59 -0.84 -12.36
C ILE B 198 -11.57 -2.34 -12.67
N GLY B 199 -12.59 -3.04 -12.21
CA GLY B 199 -12.62 -4.47 -12.42
C GLY B 199 -12.56 -4.86 -13.88
N VAL B 200 -13.44 -4.28 -14.69
CA VAL B 200 -13.45 -4.65 -16.09
C VAL B 200 -12.27 -4.11 -16.87
N ALA B 201 -11.80 -2.91 -16.52
CA ALA B 201 -10.65 -2.36 -17.22
C ALA B 201 -9.39 -3.15 -16.90
N PHE B 202 -9.30 -3.66 -15.68
CA PHE B 202 -8.15 -4.48 -15.28
C PHE B 202 -8.12 -5.81 -16.07
N VAL B 203 -9.29 -6.43 -16.31
CA VAL B 203 -9.39 -7.63 -17.14
C VAL B 203 -8.98 -7.27 -18.57
N ASP B 204 -9.46 -6.12 -19.10
CA ASP B 204 -9.07 -5.70 -20.43
C ASP B 204 -7.59 -5.51 -20.53
N MET B 205 -6.94 -4.98 -19.48
CA MET B 205 -5.48 -4.85 -19.51
C MET B 205 -4.81 -6.21 -19.56
N LEU B 206 -5.17 -7.07 -18.64
CA LEU B 206 -4.50 -8.37 -18.61
C LEU B 206 -4.70 -9.14 -19.90
N ARG B 207 -5.92 -9.13 -20.44
CA ARG B 207 -6.20 -9.93 -21.63
C ARG B 207 -5.62 -9.36 -22.91
N ASN B 208 -5.50 -8.04 -23.01
CA ASN B 208 -5.13 -7.42 -24.29
C ASN B 208 -3.87 -6.58 -24.33
N CYS B 209 -3.13 -6.39 -23.19
CA CYS B 209 -1.93 -5.56 -23.27
C CYS B 209 -0.78 -6.23 -24.02
N GLY B 210 -0.87 -7.54 -24.22
CA GLY B 210 0.13 -8.30 -24.95
C GLY B 210 1.11 -9.04 -24.08
N SER B 211 1.11 -8.81 -22.76
CA SER B 211 2.05 -9.49 -21.85
C SER B 211 1.56 -10.83 -21.29
N PHE B 212 0.26 -11.15 -21.39
CA PHE B 212 -0.33 -12.35 -20.81
C PHE B 212 -1.06 -13.21 -21.82
N THR B 213 -1.04 -14.54 -21.61
CA THR B 213 -1.90 -15.44 -22.35
C THR B 213 -3.26 -15.34 -21.64
N ARG B 214 -4.33 -15.85 -22.25
CA ARG B 214 -5.66 -15.82 -21.63
C ARG B 214 -5.65 -16.62 -20.31
N GLU B 215 -4.92 -17.74 -20.30
CA GLU B 215 -4.83 -18.60 -19.12
C GLU B 215 -4.18 -17.86 -17.98
N GLU B 216 -3.11 -17.11 -18.29
CA GLU B 216 -2.46 -16.31 -17.27
C GLU B 216 -3.37 -15.19 -16.74
N ALA B 217 -4.01 -14.48 -17.66
CA ALA B 217 -4.93 -13.41 -17.25
C ALA B 217 -6.04 -13.95 -16.35
N ASP B 218 -6.67 -15.06 -16.74
CA ASP B 218 -7.74 -15.67 -15.95
C ASP B 218 -7.27 -16.11 -14.57
N GLU B 219 -6.03 -16.65 -14.51
N GLU B 219 -6.03 -16.65 -14.52
CA GLU B 219 -5.51 -17.07 -13.21
CA GLU B 219 -5.42 -17.11 -13.27
C GLU B 219 -5.26 -15.89 -12.27
C GLU B 219 -5.20 -15.94 -12.30
N TYR B 220 -4.68 -14.79 -12.78
CA TYR B 220 -4.46 -13.64 -11.91
C TYR B 220 -5.76 -13.08 -11.36
N ILE B 221 -6.83 -13.11 -12.13
CA ILE B 221 -8.14 -12.67 -11.62
C ILE B 221 -8.64 -13.65 -10.56
N ASP B 222 -8.54 -14.95 -10.84
CA ASP B 222 -9.03 -15.97 -9.91
C ASP B 222 -8.32 -15.97 -8.57
N ILE B 223 -7.00 -15.72 -8.56
CA ILE B 223 -6.23 -15.75 -7.31
C ILE B 223 -6.30 -14.44 -6.50
N GLY B 224 -6.95 -13.43 -7.02
CA GLY B 224 -7.21 -12.22 -6.27
C GLY B 224 -6.42 -10.98 -6.54
N ALA B 225 -5.88 -10.81 -7.75
CA ALA B 225 -5.17 -9.56 -8.08
C ALA B 225 -5.98 -8.31 -7.85
N LEU B 226 -7.30 -8.31 -8.12
CA LEU B 226 -8.11 -7.10 -7.91
C LEU B 226 -8.37 -6.78 -6.45
N ASN B 227 -8.43 -7.82 -5.60
CA ASN B 227 -8.47 -7.60 -4.18
C ASN B 227 -7.17 -6.90 -3.79
N GLY B 228 -6.04 -7.27 -4.45
CA GLY B 228 -4.82 -6.59 -4.14
C GLY B 228 -4.80 -5.14 -4.53
N ILE B 229 -5.37 -4.76 -5.69
CA ILE B 229 -5.37 -3.36 -6.11
C ILE B 229 -6.11 -2.51 -5.09
N PHE B 230 -7.31 -2.95 -4.66
CA PHE B 230 -8.07 -2.15 -3.70
C PHE B 230 -7.35 -2.11 -2.35
N VAL B 231 -6.84 -3.25 -1.88
CA VAL B 231 -6.14 -3.29 -0.60
C VAL B 231 -4.95 -2.37 -0.59
N LEU B 232 -4.11 -2.43 -1.65
CA LEU B 232 -2.91 -1.60 -1.69
C LEU B 232 -3.30 -0.13 -1.82
N GLY B 233 -4.30 0.18 -2.61
CA GLY B 233 -4.70 1.55 -2.79
C GLY B 233 -5.27 2.15 -1.52
N ARG B 234 -6.23 1.46 -0.94
CA ARG B 234 -6.93 1.98 0.25
C ARG B 234 -6.07 1.97 1.51
N SER B 235 -4.99 1.17 1.53
CA SER B 235 -4.03 1.24 2.64
C SER B 235 -3.49 2.67 2.79
N MET B 236 -3.31 3.41 1.70
N MET B 236 -3.33 3.41 1.68
CA MET B 236 -2.83 4.77 1.86
CA MET B 236 -2.90 4.81 1.70
C MET B 236 -3.82 5.62 2.68
C MET B 236 -3.81 5.64 2.61
N GLY B 237 -5.10 5.54 2.36
CA GLY B 237 -6.07 6.29 3.13
C GLY B 237 -6.20 5.83 4.56
N PHE B 238 -6.17 4.51 4.81
CA PHE B 238 -6.27 4.05 6.19
C PHE B 238 -5.08 4.50 7.02
N ILE B 239 -3.85 4.48 6.45
CA ILE B 239 -2.73 5.05 7.20
C ILE B 239 -2.95 6.54 7.45
N GLY B 240 -3.46 7.25 6.44
CA GLY B 240 -3.81 8.66 6.62
C GLY B 240 -4.76 8.89 7.78
N HIS B 241 -5.80 8.04 7.90
CA HIS B 241 -6.76 8.15 8.99
C HIS B 241 -6.13 7.89 10.34
N TYR B 242 -5.23 6.89 10.42
CA TYR B 242 -4.50 6.63 11.66
C TYR B 242 -3.73 7.89 12.08
N LEU B 243 -2.96 8.47 11.14
CA LEU B 243 -2.15 9.64 11.45
C LEU B 243 -3.03 10.84 11.87
N ASP B 244 -4.17 10.99 11.17
CA ASP B 244 -5.08 12.11 11.43
C ASP B 244 -5.64 12.02 12.83
N GLN B 245 -6.06 10.84 13.27
CA GLN B 245 -6.64 10.71 14.60
C GLN B 245 -5.62 11.05 15.67
N LYS B 246 -4.35 10.74 15.43
CA LYS B 246 -3.30 11.11 16.38
C LYS B 246 -3.01 12.61 16.33
N ARG B 247 -3.00 13.21 15.12
CA ARG B 247 -2.80 14.66 14.94
C ARG B 247 -3.92 15.43 15.63
N LEU B 248 -5.15 14.89 15.61
CA LEU B 248 -6.35 15.51 16.21
C LEU B 248 -6.52 15.17 17.70
N LYS B 249 -5.61 14.39 18.28
CA LYS B 249 -5.58 14.03 19.70
C LYS B 249 -6.90 13.44 20.13
N GLN B 250 -7.41 12.52 19.30
CA GLN B 250 -8.70 11.89 19.57
C GLN B 250 -8.54 10.75 20.59
N GLY B 251 -9.37 10.81 21.63
CA GLY B 251 -9.33 9.87 22.74
C GLY B 251 -10.13 8.61 22.50
N LEU B 252 -10.08 7.73 23.48
CA LEU B 252 -10.73 6.43 23.43
C LEU B 252 -12.22 6.55 23.07
N TYR B 253 -12.67 5.78 22.09
CA TYR B 253 -14.06 5.76 21.67
C TYR B 253 -14.82 4.63 22.37
N ARG B 254 -16.08 4.89 22.70
CA ARG B 254 -17.00 3.87 23.21
C ARG B 254 -18.32 4.20 22.54
N HIS B 255 -18.96 3.24 21.86
CA HIS B 255 -20.18 3.55 21.14
C HIS B 255 -21.32 3.86 22.10
N PRO B 256 -22.18 4.82 21.77
CA PRO B 256 -23.28 5.17 22.70
C PRO B 256 -24.35 4.10 22.81
N TRP B 257 -24.79 3.85 24.04
CA TRP B 257 -25.87 2.90 24.29
C TRP B 257 -27.16 3.27 23.56
N ASP B 258 -27.44 4.57 23.37
CA ASP B 258 -28.69 4.93 22.69
C ASP B 258 -28.77 4.48 21.26
N ASP B 259 -27.65 4.10 20.65
CA ASP B 259 -27.64 3.61 19.29
C ASP B 259 -27.55 2.08 19.24
N ILE B 260 -27.77 1.40 20.37
CA ILE B 260 -27.67 -0.05 20.43
C ILE B 260 -28.95 -0.60 21.03
N SER B 261 -29.58 -1.56 20.34
CA SER B 261 -30.76 -2.26 20.83
C SER B 261 -30.31 -3.58 21.48
N TYR B 262 -30.42 -3.68 22.80
CA TYR B 262 -30.07 -4.87 23.56
C TYR B 262 -31.30 -5.74 23.64
N VAL B 263 -31.28 -6.94 23.02
CA VAL B 263 -32.42 -7.86 23.01
C VAL B 263 -31.91 -9.24 23.45
N LEU B 264 -31.62 -9.39 24.75
CA LEU B 264 -31.08 -10.64 25.28
C LEU B 264 -32.19 -11.65 25.52
N PRO B 265 -31.83 -12.93 25.56
CA PRO B 265 -32.83 -13.95 25.90
C PRO B 265 -33.39 -13.77 27.30
N GLU B 266 -34.58 -14.29 27.48
CA GLU B 266 -35.25 -14.29 28.77
C GLU B 266 -34.51 -15.14 29.81
N HIS B 267 -34.41 -14.64 31.07
CA HIS B 267 -33.80 -15.38 32.18
C HIS B 267 -34.41 -16.79 32.32
N MET B 268 -35.74 -16.92 32.19
CA MET B 268 -36.38 -18.23 32.33
C MET B 268 -36.39 -19.08 31.05
N SER B 269 -35.76 -18.63 29.94
CA SER B 269 -35.66 -19.47 28.73
C SER B 269 -34.38 -20.30 28.77
N1A COA C . 23.22 -0.95 17.29
N1A COA C . 23.41 -0.87 17.05
C2A COA C . 24.31 -1.33 17.97
C2A COA C . 24.40 -1.28 17.86
N3A COA C . 24.90 -2.52 17.98
N3A COA C . 24.92 -2.50 17.98
C4A COA C . 24.28 -3.39 17.17
C4A COA C . 24.35 -3.37 17.11
C5A COA C . 23.17 -3.13 16.38
C5A COA C . 23.36 -3.07 16.19
C6A COA C . 22.63 -1.83 16.44
C6A COA C . 22.87 -1.76 16.18
N6A COA C . 21.60 -1.41 15.70
N6A COA C . 21.86 -1.36 15.40
N7A COA C . 22.75 -4.28 15.73
N7A COA C . 23.01 -4.22 15.48
C8A COA C . 23.59 -5.19 16.14
C8A COA C . 23.77 -5.15 16.00
N9A COA C . 24.53 -4.73 17.02
N9A COA C . 24.60 -4.72 17.00
C1B COA C . 25.53 -5.53 17.71
C1B COA C . 25.48 -5.53 17.82
C2B COA C . 24.95 -6.50 18.73
C2B COA C . 24.76 -6.29 18.94
O2B COA C . 24.75 -5.88 19.99
O2B COA C . 24.61 -5.46 20.08
C3B COA C . 26.05 -7.55 18.74
C3B COA C . 25.76 -7.42 19.17
O3B COA C . 27.20 -6.99 19.43
O3B COA C . 26.87 -6.87 19.92
P3B COA C . 28.04 -7.72 20.62
P3B COA C . 27.77 -7.72 20.97
O7A COA C . 29.21 -8.36 19.99
O7A COA C . 28.08 -9.02 20.32
O8A COA C . 28.40 -6.61 21.60
O8A COA C . 29.02 -6.86 21.23
O9A COA C . 27.08 -8.69 21.34
O9A COA C . 26.91 -7.86 22.22
C4B COA C . 26.48 -7.63 17.28
C4B COA C . 26.27 -7.73 17.76
O4B COA C . 26.17 -6.33 16.73
O4B COA C . 26.06 -6.52 16.99
C5B COA C . 25.80 -8.72 16.49
C5B COA C . 25.59 -8.89 17.07
O5B COA C . 24.38 -8.63 16.74
O5B COA C . 24.20 -8.92 17.42
P1A COA C . 23.36 -9.56 15.93
P1A COA C . 23.12 -9.78 16.58
O1A COA C . 21.99 -9.51 16.48
O1A COA C . 21.74 -9.54 16.97
O2A COA C . 23.97 -10.92 15.72
O2A COA C . 23.58 -11.23 16.57
O3A COA C . 23.46 -8.79 14.54
O3A COA C . 23.39 -9.17 15.14
P2A COA C . 22.53 -8.94 13.28
P2A COA C . 22.43 -9.19 13.88
O4A COA C . 21.92 -10.28 13.20
O4A COA C . 21.72 -10.49 13.82
O5A COA C . 23.29 -8.55 12.04
O5A COA C . 23.29 -8.83 12.66
O6A COA C . 21.43 -7.87 13.63
O6A COA C . 21.37 -7.99 14.06
CBP COA C . 19.47 -6.53 13.20
CBP COA C . 19.49 -6.66 13.32
CCP COA C . 20.61 -7.34 12.59
CCP COA C . 20.65 -7.54 12.90
CDP COA C . 18.74 -5.85 12.05
CDP COA C . 18.89 -6.02 12.05
CEP COA C . 18.55 -7.53 13.91
CEP COA C . 18.44 -7.55 13.99
CAP COA C . 20.02 -5.51 14.22
CAP COA C . 19.96 -5.56 14.30
OAP COA C . 21.10 -4.81 13.61
OAP COA C . 21.04 -4.85 13.72
C9P COA C . 18.97 -4.53 14.70
C9P COA C . 18.87 -4.58 14.74
O9P COA C . 18.12 -4.87 15.51
O9P COA C . 17.98 -4.93 15.50
N8P COA C . 19.04 -3.29 14.19
N8P COA C . 18.97 -3.33 14.28
C7P COA C . 18.17 -2.22 14.66
C7P COA C . 18.08 -2.27 14.72
C6P COA C . 16.77 -2.34 14.08
C6P COA C . 16.74 -2.35 14.03
C5P COA C . 16.72 -1.95 12.62
C5P COA C . 16.82 -1.96 12.57
O5P COA C . 17.21 -0.88 12.23
O5P COA C . 17.46 -0.98 12.22
N4P COA C . 16.09 -2.81 11.81
N4P COA C . 16.14 -2.74 11.71
C3P COA C . 15.97 -2.62 10.37
C3P COA C . 16.06 -2.46 10.28
C2P COA C . 16.86 -3.59 9.61
C2P COA C . 16.91 -3.41 9.47
S1P COA C . 16.14 -5.26 9.44
S1P COA C . 16.82 -2.84 7.75
H2A COA C . 24.78 -0.54 18.56
H2A COA C . 24.82 -0.52 18.49
H61A COA C . 21.23 -0.47 15.78
H61A COA C . 21.52 -0.40 15.42
H62A COA C . 21.20 -2.03 15.01
H62A COA C . 21.40 -2.01 14.78
H8A COA C . 23.56 -6.22 15.79
H8A COA C . 23.74 -6.18 15.66
H1B COA C . 26.28 -4.85 18.13
H1B COA C . 26.28 -4.90 18.17
H2B COA C . 23.99 -6.92 18.41
H2B COA C . 23.79 -6.67 18.65
HO2A COA C . 23.84 -5.48 19.99
HO2A COA C . 24.17 -4.61 19.79
H3B COA C . 25.75 -8.51 19.16
H3B COA C . 25.36 -8.28 19.69
H4B COA C . 27.56 -7.70 17.17
H4B COA C . 27.35 -7.85 17.73
H51A COA C . 25.93 -8.57 15.42
H51A COA C . 25.62 -8.74 15.99
H52A COA C . 26.20 -9.71 16.71
H52A COA C . 26.10 -9.84 17.24
H121 COA C . 21.26 -6.75 11.94
H121 COA C . 21.37 -7.01 12.26
H122 COA C . 20.25 -8.19 12.01
H122 COA C . 20.33 -8.42 12.35
H131 COA C . 19.35 -5.07 11.58
H131 COA C . 19.53 -5.25 11.62
H132 COA C . 17.79 -5.39 12.32
H132 COA C . 17.91 -5.56 12.23
H133 COA C . 18.50 -6.57 11.26
H133 COA C . 18.74 -6.77 11.28
H141 COA C . 19.01 -7.97 14.80
H141 COA C . 18.78 -7.95 14.94
H142 COA C . 18.29 -8.38 13.27
H142 COA C . 18.23 -8.44 13.38
H143 COA C . 17.61 -7.07 14.21
H143 COA C . 17.49 -7.05 14.14
H10 COA C . 20.52 -6.01 15.05
H10 COA C . 20.45 -5.99 15.17
HO1 COA C . 21.58 -4.30 14.32
HO1 COA C . 21.51 -4.35 14.44
HN8 COA C . 19.69 -3.07 13.45
HN8 COA C . 19.68 -3.10 13.59
H71 COA C . 18.12 -2.25 15.75
H71 COA C . 17.95 -2.33 15.80
H72 COA C . 18.62 -1.26 14.41
H72 COA C . 18.56 -1.30 14.55
H61 COA C . 16.39 -3.35 14.21
H61 COA C . 16.31 -3.35 14.13
H62 COA C . 16.08 -1.73 14.65
H62 COA C . 16.01 -1.71 14.53
HN4 COA C . 15.70 -3.67 12.18
HN4 COA C . 15.67 -3.57 12.03
H31 COA C . 16.21 -1.60 10.09
H31 COA C . 16.30 -1.42 10.06
H32 COA C . 14.93 -2.73 10.08
H32 COA C . 15.01 -2.56 9.97
H21 COA C . 17.11 -3.21 8.62
H21 COA C . 17.96 -3.41 9.80
H22 COA C . 17.82 -3.70 10.10
H22 COA C . 16.58 -4.44 9.53
HS1 COA C . 14.88 -4.91 9.15
HS1 COA C . 16.86 -4.05 7.16
CAC FLC D . 14.63 -3.65 6.79
CA FLC D . 13.97 -4.75 5.98
CB FLC D . 14.91 -5.64 5.15
CBC FLC D . 14.04 -6.02 3.94
CG FLC D . 15.32 -6.84 6.02
CGC FLC D . 16.17 -7.93 5.41
OA1 FLC D . 15.83 -3.37 6.53
OA2 FLC D . 13.93 -3.06 7.63
OB1 FLC D . 14.01 -5.14 3.05
OB2 FLC D . 13.22 -6.89 4.16
OG1 FLC D . 16.73 -8.73 6.20
OG2 FLC D . 16.26 -8.00 4.17
OHB FLC D . 16.03 -4.92 4.61
HA1 FLC D . 13.37 -5.35 6.67
HA2 FLC D . 13.22 -4.29 5.32
HG1 FLC D . 15.84 -6.42 6.88
HG2 FLC D . 14.45 -7.33 6.46
HOB FLC D . 16.26 -5.44 3.81
N1A COA E . -27.90 -4.83 -10.18
C2A COA E . -29.20 -5.00 -10.48
N3A COA E . -30.26 -4.41 -9.92
C4A COA E . -29.91 -3.55 -8.97
C5A COA E . -28.62 -3.24 -8.58
C6A COA E . -27.58 -3.93 -9.22
N6A COA E . -26.29 -3.79 -8.91
N7A COA E . -28.62 -2.34 -7.52
C8A COA E . -29.90 -2.15 -7.28
N9A COA E . -30.73 -2.86 -8.12
C1B COA E . -32.17 -2.91 -8.09
C2B COA E . -32.74 -3.78 -6.96
O2B COA E . -32.82 -5.14 -7.37
C3B COA E . -34.09 -3.11 -6.75
O3B COA E . -35.00 -3.51 -7.79
P3B COA E . -36.58 -3.81 -7.44
O7A COA E . -36.60 -4.78 -6.30
O8A COA E . -37.15 -2.44 -7.08
O9A COA E . -37.13 -4.34 -8.75
C4B COA E . -33.78 -1.63 -6.97
O4B COA E . -32.65 -1.60 -7.88
C5B COA E . -33.43 -0.86 -5.72
O5B COA E . -32.80 -1.77 -4.80
P1A COA E . -31.86 -1.29 -3.58
O1A COA E . -31.25 -2.45 -2.88
O2A COA E . -32.72 -0.27 -2.84
O3A COA E . -30.71 -0.49 -4.33
P2A COA E . -29.62 0.61 -4.00
O4A COA E . -29.80 1.75 -4.93
O5A COA E . -29.65 0.89 -2.52
O6A COA E . -28.29 -0.26 -4.31
CBP COA E . -25.90 -0.65 -4.26
CCP COA E . -27.01 0.39 -4.41
CDP COA E . -24.57 0.01 -4.59
CEP COA E . -25.88 -1.12 -2.81
CAP COA E . -26.19 -1.85 -5.19
OAP COA E . -26.39 -1.39 -6.51
C9P COA E . -25.15 -2.95 -5.14
O9P COA E . -25.12 -3.74 -4.20
N8P COA E . -24.30 -3.03 -6.17
C7P COA E . -23.39 -4.15 -6.36
C6P COA E . -22.14 -4.04 -5.49
C5P COA E . -21.23 -2.93 -5.95
O5P COA E . -20.90 -2.83 -7.13
N4P COA E . -20.80 -2.07 -5.02
C3P COA E . -19.77 -1.07 -5.27
C2P COA E . -20.31 0.33 -5.13
S1P COA E . -20.60 0.50 -3.34
H2A COA E . -29.40 -5.71 -11.26
H61A COA E . -25.56 -4.31 -9.38
H62A COA E . -26.01 -3.10 -8.21
H8A COA E . -30.27 -1.46 -6.53
H1B COA E . -32.52 -3.23 -9.08
H2B COA E . -32.13 -3.75 -6.06
HO2A COA E . -31.90 -5.45 -7.56
H3B COA E . -34.52 -3.31 -5.78
H4B COA E . -34.56 -1.12 -7.54
H51A COA E . -32.71 -0.08 -5.92
H52A COA E . -34.30 -0.36 -5.28
H121 COA E . -26.99 0.90 -5.36
H122 COA E . -26.97 1.16 -3.63
H131 COA E . -24.48 0.32 -5.63
H132 COA E . -24.40 0.91 -4.01
H133 COA E . -23.73 -0.64 -4.38
H141 COA E . -26.67 -1.85 -2.60
H142 COA E . -24.94 -1.62 -2.56
H143 COA E . -26.02 -0.31 -2.10
H10 COA E . -27.18 -2.27 -4.97
HO1 COA E . -25.54 -1.03 -6.87
HN8 COA E . -24.23 -2.29 -6.86
H71 COA E . -23.92 -5.08 -6.13
H72 COA E . -23.13 -4.23 -7.41
H61 COA E . -22.41 -3.91 -4.45
H62 COA E . -21.60 -4.98 -5.51
HN4 COA E . -21.20 -2.10 -4.08
H31 COA E . -19.30 -1.20 -6.26
H32 COA E . -18.96 -1.23 -4.57
H21 COA E . -21.24 0.51 -5.66
H22 COA E . -19.60 1.09 -5.45
HS1 COA E . -20.85 1.81 -3.31
CAC FLC F . -16.43 -0.10 -1.73
CA FLC F . -17.20 1.21 -1.85
CB FLC F . -17.10 2.27 -0.74
CBC FLC F . -15.69 2.90 -0.63
CG FLC F . -18.10 3.40 -1.07
CGC FLC F . -18.66 4.15 0.13
OA1 FLC F . -15.35 -0.18 -2.37
OA2 FLC F . -16.97 -1.08 -1.13
OB1 FLC F . -15.17 2.93 0.49
OB2 FLC F . -15.13 3.29 -1.65
OG1 FLC F . -18.08 5.21 0.50
OG2 FLC F . -19.68 3.67 0.71
OHB FLC F . -17.53 1.71 0.50
HA1 FLC F . -16.94 1.65 -2.80
HA2 FLC F . -18.25 0.96 -1.95
HG1 FLC F . -17.64 4.10 -1.77
HG2 FLC F . -18.96 3.02 -1.61
HOB FLC F . -16.93 2.06 1.21
#